data_8ESM
#
_entry.id   8ESM
#
_cell.length_a   1.00
_cell.length_b   1.00
_cell.length_c   1.00
_cell.angle_alpha   90.00
_cell.angle_beta   90.00
_cell.angle_gamma   90.00
#
_symmetry.space_group_name_H-M   'P 1'
#
loop_
_entity.id
_entity.type
_entity.pdbx_description
1 polymer 'Diacylglycerol O-acyltransferase 1'
2 non-polymer '{(1r,4r)-4-[4-(4-amino-7,7-dimethyl-7H-pyrimido[4,5-b][1,4]oxazin-6-yl)phenyl]cyclohexyl}acetic acid'
#
_entity_poly.entity_id   1
_entity_poly.type   'polypeptide(L)'
_entity_poly.pdbx_seq_one_letter_code
;MGDRGSSRRRRTGSRPSSHGGGGPAAAEEEVRDAAAGPDVGAAGDAPAPAPNKDGDAGVGSGHWELRCHRLQDSLFSSDS
GFSNYRGILNWCVVMLILSNARLFLENLIKYGILVDPIQVVSLFLKDPYSWPAPCLVIAANVFAVAAFQVEKRLAVGALT
EQAGLLLHVANLATILCFPAAVVLLVESITPVGSLLALMAHTILFLKLFSYRDVNSWCRRARAKAASAGKKASSAAAPHT
VSYPDNLTYRDLYYFLFAPTLCYELNFPRSPRIRKRFLLRRILEMLFFTQLQVGLIQQWMVPTIQNSMKPFKDMDYSRII
ERLLKLAVPNHLIWLIFFYWLFHSCLNAVAELMQFGDREFYRDWWNSESVTYFWQNWNIPVHKWCIRHFYKPMLRRGSSK
WMARTGVFLASAFFHEYLVSVPLRMFRLWAFTGMMAQIPLAWFVGRFFQGNYGNAAVWLSLIIGQPIAVLMYVHDYYVLN
YEAPAAEA
;
_entity_poly.pdbx_strand_id   A,B
#
# COMPACT_ATOMS: atom_id res chain seq x y z
N LEU A 66 -23.73 -0.54 29.23
CA LEU A 66 -22.53 0.28 29.34
C LEU A 66 -22.48 1.36 28.26
N ARG A 67 -21.41 1.37 27.49
CA ARG A 67 -21.24 2.31 26.40
C ARG A 67 -20.94 1.54 25.11
N CYS A 68 -21.27 2.16 23.99
CA CYS A 68 -20.92 1.61 22.69
C CYS A 68 -20.20 2.61 21.80
N HIS A 69 -20.00 3.84 22.26
CA HIS A 69 -19.28 4.86 21.51
C HIS A 69 -18.14 5.38 22.37
N ARG A 70 -16.92 4.97 22.05
CA ARG A 70 -15.73 5.51 22.68
C ARG A 70 -15.40 6.86 22.05
N LEU A 71 -14.21 7.37 22.30
CA LEU A 71 -13.74 8.60 21.68
C LEU A 71 -12.42 8.27 21.01
N GLN A 72 -12.48 7.83 19.75
CA GLN A 72 -11.29 7.41 19.03
C GLN A 72 -11.20 8.11 17.69
N ASP A 73 -10.26 7.72 16.85
CA ASP A 73 -10.07 8.34 15.55
C ASP A 73 -10.05 7.27 14.46
N SER A 74 -10.35 7.70 13.24
CA SER A 74 -10.33 6.80 12.11
C SER A 74 -8.92 6.31 11.85
N LEU A 75 -8.81 5.12 11.27
CA LEU A 75 -7.50 4.51 11.12
C LEU A 75 -6.64 5.26 10.11
N PHE A 76 -7.23 5.69 9.00
CA PHE A 76 -6.45 6.47 8.03
C PHE A 76 -6.14 7.86 8.54
N SER A 77 -6.68 8.26 9.68
CA SER A 77 -6.53 9.63 10.12
C SER A 77 -5.07 9.92 10.42
N SER A 78 -4.68 11.16 10.14
CA SER A 78 -3.28 11.57 10.14
C SER A 78 -2.67 11.44 11.53
N ASP A 79 -3.46 11.10 12.54
CA ASP A 79 -3.00 11.13 13.92
C ASP A 79 -3.53 9.95 14.73
N SER A 80 -3.83 8.84 14.07
CA SER A 80 -4.36 7.69 14.79
C SER A 80 -3.28 6.72 15.25
N GLY A 81 -2.17 6.63 14.52
CA GLY A 81 -1.12 5.71 14.87
C GLY A 81 -1.54 4.27 14.72
N PHE A 82 -2.01 3.89 13.53
CA PHE A 82 -2.43 2.50 13.29
C PHE A 82 -1.30 1.69 12.68
N SER A 83 -0.88 2.05 11.47
CA SER A 83 0.27 1.45 10.79
C SER A 83 0.24 -0.08 10.87
N ASN A 84 -0.75 -0.66 10.23
CA ASN A 84 -0.88 -2.12 10.11
C ASN A 84 -1.36 -2.50 8.73
N TYR A 85 -0.78 -1.89 7.71
CA TYR A 85 -1.29 -2.07 6.36
C TYR A 85 -0.63 -3.23 5.63
N ARG A 86 -0.60 -4.41 6.25
CA ARG A 86 -0.14 -5.59 5.53
C ARG A 86 -1.33 -6.16 4.77
N GLY A 87 -2.04 -5.31 4.06
CA GLY A 87 -3.06 -5.78 3.17
C GLY A 87 -3.03 -4.93 1.93
N ILE A 88 -2.22 -3.88 1.96
CA ILE A 88 -2.05 -3.06 0.78
C ILE A 88 -0.96 -3.65 -0.09
N LEU A 89 0.07 -4.23 0.52
CA LEU A 89 1.06 -4.96 -0.25
C LEU A 89 0.45 -6.19 -0.89
N ASN A 90 -0.40 -6.92 -0.16
CA ASN A 90 -1.08 -8.05 -0.77
C ASN A 90 -2.04 -7.60 -1.85
N TRP A 91 -2.63 -6.42 -1.71
CA TRP A 91 -3.46 -5.91 -2.79
C TRP A 91 -2.62 -5.64 -4.03
N CYS A 92 -1.47 -4.99 -3.86
CA CYS A 92 -0.59 -4.76 -5.00
C CYS A 92 -0.20 -6.08 -5.65
N VAL A 93 0.08 -7.10 -4.84
CA VAL A 93 0.49 -8.38 -5.39
C VAL A 93 -0.64 -9.01 -6.19
N VAL A 94 -1.85 -9.04 -5.62
CA VAL A 94 -2.94 -9.71 -6.32
C VAL A 94 -3.36 -8.93 -7.56
N MET A 95 -3.22 -7.60 -7.55
CA MET A 95 -3.55 -6.85 -8.75
C MET A 95 -2.49 -7.05 -9.82
N LEU A 96 -1.20 -7.07 -9.44
CA LEU A 96 -0.16 -7.37 -10.42
C LEU A 96 -0.39 -8.72 -11.06
N ILE A 97 -0.73 -9.72 -10.26
CA ILE A 97 -0.98 -11.05 -10.80
C ILE A 97 -2.18 -11.03 -11.73
N LEU A 98 -3.29 -10.44 -11.28
CA LEU A 98 -4.46 -10.37 -12.14
C LEU A 98 -4.16 -9.69 -13.46
N SER A 99 -3.26 -8.71 -13.46
CA SER A 99 -3.00 -7.98 -14.69
C SER A 99 -1.99 -8.68 -15.59
N ASN A 100 -1.05 -9.44 -15.03
CA ASN A 100 0.06 -9.93 -15.85
C ASN A 100 0.26 -11.44 -15.80
N ALA A 101 -0.65 -12.20 -15.20
CA ALA A 101 -0.40 -13.63 -15.05
C ALA A 101 -0.51 -14.35 -16.39
N ARG A 102 -1.48 -13.98 -17.22
CA ARG A 102 -1.60 -14.62 -18.53
C ARG A 102 -0.32 -14.45 -19.33
N LEU A 103 0.13 -13.21 -19.48
CA LEU A 103 1.35 -12.96 -20.22
C LEU A 103 2.54 -13.64 -19.57
N PHE A 104 2.59 -13.70 -18.23
CA PHE A 104 3.73 -14.33 -17.59
C PHE A 104 3.75 -15.82 -17.88
N LEU A 105 2.60 -16.48 -17.81
CA LEU A 105 2.57 -17.91 -18.10
C LEU A 105 2.97 -18.16 -19.56
N GLU A 106 2.45 -17.36 -20.49
CA GLU A 106 2.83 -17.55 -21.88
C GLU A 106 4.32 -17.36 -22.08
N ASN A 107 4.87 -16.26 -21.57
CA ASN A 107 6.29 -15.99 -21.76
C ASN A 107 7.17 -17.01 -21.04
N LEU A 108 6.69 -17.54 -19.92
CA LEU A 108 7.46 -18.56 -19.22
C LEU A 108 7.52 -19.84 -20.03
N ILE A 109 6.39 -20.25 -20.63
CA ILE A 109 6.41 -21.44 -21.47
C ILE A 109 7.22 -21.18 -22.73
N LYS A 110 7.29 -19.92 -23.17
CA LYS A 110 8.05 -19.60 -24.38
C LYS A 110 9.56 -19.59 -24.14
N TYR A 111 10.00 -19.09 -22.99
CA TYR A 111 11.42 -18.93 -22.70
C TYR A 111 11.91 -19.88 -21.61
N GLY A 112 11.16 -20.93 -21.31
CA GLY A 112 11.66 -21.94 -20.40
C GLY A 112 12.15 -23.19 -21.09
N ILE A 113 11.74 -23.37 -22.35
CA ILE A 113 12.17 -24.52 -23.14
C ILE A 113 13.64 -24.46 -23.52
N LEU A 114 14.30 -23.32 -23.29
CA LEU A 114 15.69 -23.15 -23.66
C LEU A 114 16.61 -23.81 -22.65
N VAL A 115 17.85 -24.06 -23.08
CA VAL A 115 18.86 -24.76 -22.28
C VAL A 115 20.01 -23.81 -21.98
N ASP A 116 19.68 -22.54 -21.81
CA ASP A 116 20.59 -21.39 -21.70
C ASP A 116 21.90 -21.67 -20.97
N PRO A 117 21.88 -22.15 -19.72
CA PRO A 117 23.13 -22.18 -18.95
C PRO A 117 24.25 -22.99 -19.58
N ILE A 118 24.01 -24.27 -19.89
CA ILE A 118 25.09 -25.13 -20.36
C ILE A 118 25.55 -24.71 -21.75
N GLN A 119 24.61 -24.39 -22.64
CA GLN A 119 24.98 -23.97 -23.99
C GLN A 119 25.81 -22.69 -23.94
N VAL A 120 25.40 -21.72 -23.12
CA VAL A 120 26.11 -20.45 -23.08
C VAL A 120 27.48 -20.61 -22.42
N VAL A 121 27.57 -21.42 -21.36
CA VAL A 121 28.87 -21.59 -20.72
C VAL A 121 29.82 -22.34 -21.64
N SER A 122 29.31 -23.28 -22.44
CA SER A 122 30.16 -23.93 -23.43
C SER A 122 30.59 -22.96 -24.51
N LEU A 123 29.66 -22.16 -25.02
CA LEU A 123 29.97 -21.17 -26.03
C LEU A 123 30.98 -20.15 -25.53
N PHE A 124 31.03 -19.92 -24.22
CA PHE A 124 31.98 -18.98 -23.65
C PHE A 124 33.35 -19.63 -23.45
N LEU A 125 33.38 -20.80 -22.79
CA LEU A 125 34.64 -21.48 -22.55
C LEU A 125 35.31 -21.85 -23.86
N LYS A 126 34.53 -22.05 -24.92
CA LYS A 126 35.09 -22.23 -26.25
C LYS A 126 35.91 -21.02 -26.69
N ASP A 127 35.43 -19.81 -26.39
CA ASP A 127 36.10 -18.61 -26.85
C ASP A 127 36.22 -17.63 -25.70
N PRO A 128 37.31 -17.68 -24.94
CA PRO A 128 37.49 -16.72 -23.83
C PRO A 128 38.04 -15.37 -24.26
N TYR A 129 37.58 -14.81 -25.36
CA TYR A 129 37.84 -13.41 -25.72
C TYR A 129 36.64 -12.74 -26.35
N SER A 130 35.50 -13.42 -26.44
CA SER A 130 34.31 -12.89 -27.10
C SER A 130 33.28 -12.48 -26.06
N TRP A 131 33.72 -12.45 -24.81
CA TRP A 131 32.87 -12.12 -23.69
C TRP A 131 33.73 -11.57 -22.56
N PRO A 132 34.27 -10.35 -22.70
CA PRO A 132 35.26 -9.88 -21.72
C PRO A 132 34.67 -9.63 -20.33
N ALA A 133 33.38 -9.38 -20.20
CA ALA A 133 32.82 -9.19 -18.87
C ALA A 133 32.86 -10.47 -18.05
N PRO A 134 32.39 -11.62 -18.54
CA PRO A 134 32.63 -12.86 -17.79
C PRO A 134 34.09 -13.25 -17.70
N CYS A 135 34.99 -12.56 -18.40
CA CYS A 135 36.41 -12.77 -18.16
C CYS A 135 36.89 -11.98 -16.96
N LEU A 136 36.43 -10.74 -16.81
CA LEU A 136 36.80 -9.96 -15.64
C LEU A 136 36.21 -10.55 -14.37
N VAL A 137 34.96 -11.03 -14.45
CA VAL A 137 34.33 -11.63 -13.28
C VAL A 137 35.16 -12.78 -12.76
N ILE A 138 35.78 -13.55 -13.66
CA ILE A 138 36.62 -14.65 -13.23
C ILE A 138 38.01 -14.15 -12.82
N ALA A 139 38.51 -13.11 -13.47
CA ALA A 139 39.85 -12.62 -13.14
C ALA A 139 39.89 -11.96 -11.77
N ALA A 140 38.76 -11.53 -11.22
CA ALA A 140 38.77 -10.99 -9.87
C ALA A 140 39.20 -12.02 -8.83
N ASN A 141 39.16 -13.30 -9.17
CA ASN A 141 39.61 -14.33 -8.23
C ASN A 141 41.09 -14.19 -7.92
N VAL A 142 41.88 -13.62 -8.84
CA VAL A 142 43.29 -13.48 -8.50
C VAL A 142 43.44 -12.45 -7.39
N PHE A 143 42.57 -11.45 -7.34
CA PHE A 143 42.64 -10.49 -6.24
C PHE A 143 42.13 -11.10 -4.95
N ALA A 144 41.07 -11.90 -5.04
CA ALA A 144 40.61 -12.62 -3.86
C ALA A 144 41.73 -13.46 -3.26
N VAL A 145 42.40 -14.25 -4.12
CA VAL A 145 43.47 -15.12 -3.65
C VAL A 145 44.67 -14.31 -3.17
N ALA A 146 44.96 -13.18 -3.79
CA ALA A 146 46.08 -12.36 -3.33
C ALA A 146 45.82 -11.82 -1.93
N ALA A 147 44.61 -11.32 -1.68
CA ALA A 147 44.26 -10.87 -0.34
C ALA A 147 44.36 -12.01 0.65
N PHE A 148 43.84 -13.18 0.28
CA PHE A 148 43.92 -14.34 1.18
C PHE A 148 45.36 -14.70 1.48
N GLN A 149 46.24 -14.62 0.50
CA GLN A 149 47.63 -15.02 0.72
C GLN A 149 48.33 -14.03 1.63
N VAL A 150 48.15 -12.73 1.38
CA VAL A 150 48.73 -11.74 2.29
C VAL A 150 48.22 -11.97 3.70
N GLU A 151 46.93 -12.29 3.84
CA GLU A 151 46.37 -12.50 5.16
C GLU A 151 46.99 -13.71 5.85
N LYS A 152 47.15 -14.81 5.11
CA LYS A 152 47.70 -16.02 5.72
C LYS A 152 49.16 -15.81 6.12
N ARG A 153 49.96 -15.20 5.25
CA ARG A 153 51.33 -14.88 5.62
C ARG A 153 51.36 -13.98 6.84
N LEU A 154 50.46 -13.01 6.92
CA LEU A 154 50.43 -12.11 8.05
C LEU A 154 49.99 -12.81 9.33
N ALA A 155 49.18 -13.86 9.20
CA ALA A 155 48.77 -14.62 10.38
C ALA A 155 49.90 -15.49 10.88
N VAL A 156 50.65 -16.11 9.98
CA VAL A 156 51.77 -16.95 10.41
C VAL A 156 52.85 -16.09 11.06
N GLY A 157 53.06 -14.89 10.54
CA GLY A 157 54.02 -13.99 11.16
C GLY A 157 54.81 -13.14 10.18
N ALA A 158 54.96 -13.62 8.95
CA ALA A 158 55.72 -12.86 7.96
C ALA A 158 54.95 -11.62 7.53
N LEU A 159 55.65 -10.71 6.85
CA LEU A 159 55.07 -9.49 6.29
C LEU A 159 54.41 -8.64 7.38
N THR A 160 55.28 -8.10 8.25
CA THR A 160 54.83 -7.37 9.43
C THR A 160 53.79 -6.31 9.07
N GLU A 161 52.99 -5.94 10.08
CA GLU A 161 51.74 -5.21 9.91
C GLU A 161 51.80 -4.09 8.89
N GLN A 162 52.86 -3.28 8.92
CA GLN A 162 52.96 -2.18 7.97
C GLN A 162 53.01 -2.69 6.54
N ALA A 163 53.83 -3.73 6.29
CA ALA A 163 53.90 -4.30 4.96
C ALA A 163 52.59 -4.93 4.55
N GLY A 164 51.89 -5.57 5.50
CA GLY A 164 50.61 -6.18 5.18
C GLY A 164 49.58 -5.14 4.77
N LEU A 165 49.49 -4.05 5.53
CA LEU A 165 48.60 -2.96 5.15
C LEU A 165 48.97 -2.41 3.78
N LEU A 166 50.26 -2.25 3.51
CA LEU A 166 50.70 -1.76 2.21
C LEU A 166 50.23 -2.67 1.10
N LEU A 167 50.45 -3.98 1.25
CA LEU A 167 50.07 -4.92 0.22
C LEU A 167 48.57 -4.92 0.01
N HIS A 168 47.80 -4.80 1.08
CA HIS A 168 46.35 -4.81 0.92
C HIS A 168 45.88 -3.54 0.24
N VAL A 169 46.49 -2.39 0.54
CA VAL A 169 46.11 -1.17 -0.15
C VAL A 169 46.42 -1.29 -1.64
N ALA A 170 47.58 -1.85 -1.98
CA ALA A 170 47.90 -2.05 -3.39
C ALA A 170 46.88 -2.98 -4.06
N ASN A 171 46.51 -4.06 -3.38
CA ASN A 171 45.58 -5.02 -3.97
C ASN A 171 44.20 -4.40 -4.16
N LEU A 172 43.75 -3.57 -3.22
CA LEU A 172 42.44 -2.95 -3.36
C LEU A 172 42.45 -1.88 -4.45
N ALA A 173 43.48 -1.05 -4.49
CA ALA A 173 43.58 -0.08 -5.57
C ALA A 173 43.61 -0.79 -6.93
N THR A 174 44.22 -1.96 -6.99
CA THR A 174 44.18 -2.73 -8.23
C THR A 174 42.77 -3.20 -8.53
N ILE A 175 42.07 -3.74 -7.53
CA ILE A 175 40.69 -4.18 -7.72
C ILE A 175 39.86 -3.07 -8.33
N LEU A 176 40.07 -1.84 -7.86
CA LEU A 176 39.27 -0.75 -8.43
C LEU A 176 39.76 -0.35 -9.81
N CYS A 177 41.02 0.09 -9.92
CA CYS A 177 41.51 0.71 -11.14
C CYS A 177 41.83 -0.28 -12.25
N PHE A 178 41.67 -1.58 -12.04
CA PHE A 178 41.92 -2.51 -13.13
C PHE A 178 40.74 -2.60 -14.08
N PRO A 179 39.53 -2.93 -13.62
CA PRO A 179 38.43 -3.07 -14.58
C PRO A 179 37.99 -1.77 -15.18
N ALA A 180 38.21 -0.65 -14.50
CA ALA A 180 37.99 0.65 -15.14
C ALA A 180 38.85 0.77 -16.39
N ALA A 181 40.12 0.41 -16.28
CA ALA A 181 41.00 0.46 -17.44
C ALA A 181 40.60 -0.58 -18.48
N VAL A 182 40.17 -1.76 -18.05
CA VAL A 182 39.81 -2.78 -19.03
C VAL A 182 38.59 -2.38 -19.82
N VAL A 183 37.57 -1.83 -19.16
CA VAL A 183 36.37 -1.42 -19.87
C VAL A 183 36.50 -0.05 -20.52
N LEU A 184 37.58 0.67 -20.23
CA LEU A 184 37.84 1.92 -20.94
C LEU A 184 38.81 1.75 -22.10
N LEU A 185 39.54 0.64 -22.16
CA LEU A 185 40.46 0.37 -23.26
C LEU A 185 40.10 -0.91 -23.99
N VAL A 186 38.82 -1.27 -23.98
CA VAL A 186 38.30 -2.37 -24.80
C VAL A 186 36.96 -1.95 -25.34
N GLU A 187 36.81 -1.98 -26.67
CA GLU A 187 35.61 -1.50 -27.33
C GLU A 187 34.64 -2.61 -27.68
N SER A 188 35.01 -3.87 -27.46
CA SER A 188 34.18 -5.01 -27.79
C SER A 188 33.22 -5.39 -26.67
N ILE A 189 33.05 -4.52 -25.68
CA ILE A 189 32.32 -4.86 -24.46
C ILE A 189 31.01 -4.10 -24.42
N THR A 190 30.05 -4.71 -23.88
CA THR A 190 28.66 -4.28 -23.80
C THR A 190 28.43 -3.46 -22.53
N PRO A 191 27.50 -2.49 -22.56
CA PRO A 191 27.27 -1.68 -21.35
C PRO A 191 26.71 -2.48 -20.19
N VAL A 192 25.78 -3.40 -20.42
CA VAL A 192 25.25 -4.19 -19.31
C VAL A 192 26.32 -5.14 -18.77
N GLY A 193 27.05 -5.79 -19.66
CA GLY A 193 28.14 -6.63 -19.19
C GLY A 193 29.21 -5.84 -18.47
N SER A 194 29.51 -4.64 -18.96
CA SER A 194 30.46 -3.79 -18.28
C SER A 194 29.96 -3.42 -16.90
N LEU A 195 28.68 -3.12 -16.78
CA LEU A 195 28.13 -2.75 -15.48
C LEU A 195 28.19 -3.91 -14.51
N LEU A 196 27.86 -5.12 -14.97
CA LEU A 196 27.93 -6.25 -14.06
C LEU A 196 29.37 -6.57 -13.67
N ALA A 197 30.32 -6.41 -14.59
CA ALA A 197 31.71 -6.60 -14.20
C ALA A 197 32.12 -5.59 -13.15
N LEU A 198 31.79 -4.32 -13.36
CA LEU A 198 32.18 -3.30 -12.39
C LEU A 198 31.46 -3.49 -11.06
N MET A 199 30.23 -4.00 -11.09
CA MET A 199 29.53 -4.21 -9.83
C MET A 199 30.11 -5.38 -9.07
N ALA A 200 30.44 -6.47 -9.77
CA ALA A 200 31.13 -7.57 -9.11
C ALA A 200 32.44 -7.09 -8.51
N HIS A 201 33.15 -6.20 -9.21
CA HIS A 201 34.43 -5.77 -8.69
C HIS A 201 34.30 -4.80 -7.52
N THR A 202 33.31 -3.91 -7.52
CA THR A 202 33.14 -3.05 -6.36
C THR A 202 32.62 -3.82 -5.15
N ILE A 203 31.78 -4.83 -5.38
CA ILE A 203 31.36 -5.68 -4.27
C ILE A 203 32.55 -6.44 -3.72
N LEU A 204 33.40 -6.97 -4.60
CA LEU A 204 34.61 -7.64 -4.13
C LEU A 204 35.50 -6.69 -3.36
N PHE A 205 35.60 -5.43 -3.81
CA PHE A 205 36.43 -4.45 -3.11
C PHE A 205 35.91 -4.23 -1.70
N LEU A 206 34.62 -4.00 -1.55
CA LEU A 206 34.07 -3.74 -0.23
C LEU A 206 34.21 -4.97 0.67
N LYS A 207 33.95 -6.15 0.12
CA LYS A 207 34.10 -7.37 0.91
C LYS A 207 35.53 -7.58 1.36
N LEU A 208 36.50 -7.30 0.50
CA LEU A 208 37.89 -7.51 0.90
C LEU A 208 38.35 -6.45 1.88
N PHE A 209 37.87 -5.22 1.74
CA PHE A 209 38.15 -4.20 2.76
C PHE A 209 37.67 -4.66 4.12
N SER A 210 36.46 -5.21 4.17
CA SER A 210 35.96 -5.69 5.45
C SER A 210 36.75 -6.89 5.95
N TYR A 211 37.14 -7.79 5.05
CA TYR A 211 37.97 -8.92 5.42
C TYR A 211 39.25 -8.46 6.09
N ARG A 212 39.94 -7.51 5.46
CA ARG A 212 41.15 -6.96 6.04
C ARG A 212 40.90 -6.37 7.41
N ASP A 213 39.85 -5.55 7.55
CA ASP A 213 39.59 -4.91 8.84
C ASP A 213 39.34 -5.93 9.93
N VAL A 214 38.48 -6.91 9.64
CA VAL A 214 38.12 -7.88 10.66
C VAL A 214 39.33 -8.71 11.07
N ASN A 215 40.13 -9.15 10.11
CA ASN A 215 41.29 -9.94 10.50
C ASN A 215 42.30 -9.10 11.24
N SER A 216 42.44 -7.82 10.90
CA SER A 216 43.30 -6.94 11.67
C SER A 216 42.84 -6.86 13.13
N TRP A 217 41.54 -6.61 13.33
CA TRP A 217 41.02 -6.52 14.68
C TRP A 217 41.27 -7.79 15.46
N CYS A 218 40.93 -8.94 14.87
CA CYS A 218 41.05 -10.19 15.61
C CYS A 218 42.51 -10.56 15.86
N ARG A 219 43.41 -10.21 14.93
CA ARG A 219 44.81 -10.50 15.13
C ARG A 219 45.40 -9.63 16.23
N ARG A 220 45.08 -8.35 16.24
CA ARG A 220 45.56 -7.49 17.33
C ARG A 220 44.96 -7.91 18.66
N ALA A 221 43.71 -8.40 18.65
CA ALA A 221 43.11 -8.91 19.87
C ALA A 221 43.85 -10.12 20.39
N ARG A 222 44.19 -11.06 19.50
CA ARG A 222 44.95 -12.23 19.92
C ARG A 222 46.32 -11.82 20.44
N ALA A 223 46.99 -10.88 19.76
CA ALA A 223 48.30 -10.44 20.21
C ALA A 223 48.23 -9.80 21.58
N LYS A 224 47.20 -8.98 21.83
CA LYS A 224 47.05 -8.39 23.15
C LYS A 224 46.76 -9.45 24.21
N ALA A 225 45.90 -10.42 23.89
CA ALA A 225 45.60 -11.47 24.85
C ALA A 225 46.82 -12.34 25.14
N ALA A 226 47.74 -12.44 24.18
CA ALA A 226 48.92 -13.26 24.39
C ALA A 226 49.85 -12.71 25.47
N SER A 227 49.66 -11.46 25.89
CA SER A 227 50.45 -10.88 26.96
C SER A 227 49.77 -11.03 28.33
N ALA A 228 48.96 -12.06 28.51
CA ALA A 228 48.28 -12.28 29.77
C ALA A 228 48.93 -13.42 30.54
N HIS A 239 30.00 -25.01 17.01
CA HIS A 239 30.95 -24.35 17.91
C HIS A 239 31.54 -23.11 17.25
N THR A 240 31.90 -22.12 18.07
CA THR A 240 32.46 -20.88 17.57
C THR A 240 33.83 -21.13 16.95
N VAL A 241 34.40 -20.07 16.38
CA VAL A 241 35.69 -20.14 15.69
C VAL A 241 36.56 -18.99 16.17
N SER A 242 37.81 -19.30 16.52
CA SER A 242 38.74 -18.31 17.00
C SER A 242 39.33 -17.56 15.80
N TYR A 243 40.37 -16.76 16.03
CA TYR A 243 40.86 -15.91 14.96
C TYR A 243 41.55 -16.69 13.85
N PRO A 244 42.70 -17.34 14.08
CA PRO A 244 43.51 -17.78 12.94
C PRO A 244 43.00 -19.03 12.26
N ASP A 245 42.09 -19.78 12.88
CA ASP A 245 41.61 -21.03 12.33
C ASP A 245 40.50 -20.85 11.30
N ASN A 246 40.13 -19.61 10.98
CA ASN A 246 39.13 -19.37 9.95
C ASN A 246 39.73 -19.20 8.57
N LEU A 247 41.04 -18.95 8.48
CA LEU A 247 41.69 -18.64 7.20
C LEU A 247 41.80 -19.91 6.38
N THR A 248 40.67 -20.27 5.76
CA THR A 248 40.64 -21.36 4.79
C THR A 248 39.91 -20.87 3.55
N TYR A 249 40.18 -21.54 2.43
CA TYR A 249 39.57 -21.12 1.17
C TYR A 249 38.06 -21.30 1.20
N ARG A 250 37.57 -22.33 1.89
CA ARG A 250 36.13 -22.50 2.00
C ARG A 250 35.49 -21.33 2.72
N ASP A 251 36.15 -20.81 3.76
CA ASP A 251 35.63 -19.64 4.46
C ASP A 251 35.62 -18.43 3.54
N LEU A 252 36.73 -18.16 2.87
CA LEU A 252 36.81 -16.99 2.02
C LEU A 252 35.76 -17.03 0.93
N TYR A 253 35.58 -18.19 0.31
CA TYR A 253 34.65 -18.27 -0.81
C TYR A 253 33.22 -18.53 -0.37
N TYR A 254 32.97 -18.76 0.91
CA TYR A 254 31.61 -18.61 1.39
C TYR A 254 31.32 -17.16 1.72
N PHE A 255 32.33 -16.41 2.13
CA PHE A 255 32.12 -15.00 2.42
C PHE A 255 31.93 -14.20 1.15
N LEU A 256 32.68 -14.52 0.10
CA LEU A 256 32.61 -13.73 -1.13
C LEU A 256 31.22 -13.80 -1.75
N PHE A 257 30.57 -14.96 -1.69
CA PHE A 257 29.23 -15.12 -2.23
C PHE A 257 28.15 -14.94 -1.19
N ALA A 258 28.44 -14.31 -0.14
CA ALA A 258 27.35 -14.18 0.82
C ALA A 258 26.66 -12.83 0.67
N PRO A 259 25.37 -12.75 0.90
CA PRO A 259 24.68 -11.48 0.75
C PRO A 259 25.03 -10.48 1.84
N THR A 260 26.30 -10.14 1.97
CA THR A 260 26.71 -9.18 2.98
C THR A 260 28.08 -8.65 2.63
N LEU A 261 28.25 -7.34 2.81
CA LEU A 261 29.56 -6.73 2.62
C LEU A 261 30.36 -6.67 3.90
N CYS A 262 29.83 -7.18 5.00
CA CYS A 262 30.45 -7.10 6.31
C CYS A 262 30.99 -8.47 6.66
N TYR A 263 32.31 -8.59 6.81
CA TYR A 263 32.88 -9.85 7.23
C TYR A 263 32.70 -10.05 8.72
N GLU A 264 32.49 -11.30 9.11
CA GLU A 264 32.35 -11.64 10.51
C GLU A 264 32.54 -13.13 10.66
N LEU A 265 33.43 -13.53 11.57
CA LEU A 265 33.62 -14.93 11.87
C LEU A 265 32.32 -15.53 12.39
N ASN A 266 32.04 -16.77 12.01
CA ASN A 266 30.83 -17.48 12.44
C ASN A 266 29.57 -16.74 12.00
N PHE A 267 29.37 -16.74 10.70
CA PHE A 267 28.10 -16.24 10.16
C PHE A 267 26.96 -17.14 10.64
N PRO A 268 25.81 -16.57 10.98
CA PRO A 268 24.65 -17.40 11.32
C PRO A 268 24.29 -18.31 10.16
N ARG A 269 23.45 -19.31 10.48
CA ARG A 269 23.02 -20.26 9.47
C ARG A 269 21.53 -20.49 9.63
N SER A 270 20.93 -21.03 8.60
CA SER A 270 19.54 -21.45 8.65
C SER A 270 19.47 -22.96 8.81
N PRO A 271 18.35 -23.48 9.28
CA PRO A 271 18.19 -24.93 9.37
C PRO A 271 18.38 -25.66 8.05
N ARG A 272 17.59 -25.35 7.03
CA ARG A 272 17.63 -26.14 5.81
C ARG A 272 17.30 -25.24 4.61
N ILE A 273 16.96 -25.84 3.48
CA ILE A 273 16.88 -25.12 2.22
C ILE A 273 15.49 -24.55 1.97
N ARG A 274 14.43 -25.24 2.38
CA ARG A 274 13.05 -24.76 2.20
C ARG A 274 12.74 -24.57 0.71
N LYS A 275 12.69 -25.70 0.00
CA LYS A 275 12.46 -25.70 -1.44
C LYS A 275 11.30 -24.80 -1.84
N ARG A 276 10.21 -24.82 -1.06
CA ARG A 276 9.08 -23.95 -1.37
C ARG A 276 9.50 -22.50 -1.44
N PHE A 277 10.28 -22.07 -0.45
CA PHE A 277 10.75 -20.69 -0.38
C PHE A 277 11.58 -20.33 -1.61
N LEU A 278 12.55 -21.17 -1.95
CA LEU A 278 13.39 -20.89 -3.10
C LEU A 278 12.58 -20.86 -4.39
N LEU A 279 11.57 -21.71 -4.49
CA LEU A 279 10.72 -21.71 -5.67
C LEU A 279 9.95 -20.40 -5.78
N ARG A 280 9.37 -19.94 -4.68
CA ARG A 280 8.64 -18.68 -4.71
C ARG A 280 9.57 -17.53 -5.06
N ARG A 281 10.81 -17.57 -4.57
CA ARG A 281 11.73 -16.47 -4.86
C ARG A 281 12.13 -16.46 -6.33
N ILE A 282 12.37 -17.63 -6.91
CA ILE A 282 12.71 -17.65 -8.33
C ILE A 282 11.52 -17.22 -9.18
N LEU A 283 10.31 -17.63 -8.80
CA LEU A 283 9.13 -17.15 -9.51
C LEU A 283 9.04 -15.64 -9.42
N GLU A 284 9.32 -15.07 -8.25
CA GLU A 284 9.28 -13.62 -8.12
C GLU A 284 10.31 -12.96 -9.03
N MET A 285 11.51 -13.51 -9.09
CA MET A 285 12.55 -12.95 -9.96
C MET A 285 12.08 -12.94 -11.40
N LEU A 286 11.54 -14.06 -11.87
CA LEU A 286 11.13 -14.14 -13.28
C LEU A 286 9.95 -13.21 -13.56
N PHE A 287 8.93 -13.24 -12.70
CA PHE A 287 7.78 -12.38 -12.90
C PHE A 287 8.17 -10.92 -12.94
N PHE A 288 9.03 -10.49 -12.02
CA PHE A 288 9.39 -9.08 -11.98
C PHE A 288 10.34 -8.71 -13.10
N THR A 289 11.15 -9.65 -13.59
CA THR A 289 11.92 -9.37 -14.80
C THR A 289 11.01 -9.07 -15.97
N GLN A 290 9.98 -9.90 -16.15
CA GLN A 290 9.03 -9.65 -17.23
C GLN A 290 8.31 -8.31 -17.04
N LEU A 291 7.89 -8.03 -15.81
CA LEU A 291 7.22 -6.77 -15.53
C LEU A 291 8.10 -5.57 -15.84
N GLN A 292 9.38 -5.65 -15.47
CA GLN A 292 10.27 -4.51 -15.66
C GLN A 292 10.60 -4.31 -17.14
N VAL A 293 10.74 -5.42 -17.87
CA VAL A 293 10.95 -5.30 -19.31
C VAL A 293 9.73 -4.65 -19.97
N GLY A 294 8.53 -5.06 -19.56
CA GLY A 294 7.33 -4.43 -20.09
C GLY A 294 7.27 -2.95 -19.79
N LEU A 295 7.51 -2.59 -18.54
CA LEU A 295 7.58 -1.17 -18.16
C LEU A 295 8.52 -0.40 -19.08
N ILE A 296 9.76 -0.86 -19.19
CA ILE A 296 10.74 -0.14 -20.00
C ILE A 296 10.24 -0.03 -21.43
N GLN A 297 10.11 -1.17 -22.12
CA GLN A 297 9.79 -1.23 -23.53
C GLN A 297 8.39 -0.82 -23.85
N GLN A 298 7.54 -0.39 -22.93
CA GLN A 298 6.26 0.16 -23.34
C GLN A 298 5.92 1.48 -22.67
N TRP A 299 6.81 2.03 -21.85
CA TRP A 299 6.49 3.30 -21.22
C TRP A 299 7.66 4.28 -21.30
N MET A 300 8.90 3.80 -21.39
CA MET A 300 10.03 4.72 -21.40
C MET A 300 10.70 4.83 -22.75
N VAL A 301 10.93 3.72 -23.46
CA VAL A 301 11.46 3.81 -24.81
C VAL A 301 10.53 4.65 -25.70
N PRO A 302 9.22 4.41 -25.75
CA PRO A 302 8.36 5.32 -26.51
C PRO A 302 8.42 6.76 -26.05
N THR A 303 8.51 7.01 -24.75
CA THR A 303 8.56 8.39 -24.29
C THR A 303 9.89 9.05 -24.64
N ILE A 304 10.98 8.28 -24.57
CA ILE A 304 12.28 8.84 -24.96
C ILE A 304 12.30 9.13 -26.46
N GLN A 305 11.67 8.27 -27.26
CA GLN A 305 11.64 8.48 -28.70
C GLN A 305 10.68 9.59 -29.12
N ASN A 306 9.89 10.14 -28.20
CA ASN A 306 9.00 11.23 -28.57
C ASN A 306 9.77 12.49 -28.95
N SER A 307 10.84 12.79 -28.21
CA SER A 307 11.67 13.95 -28.49
C SER A 307 13.12 13.59 -28.12
N MET A 308 13.90 13.18 -29.13
CA MET A 308 15.25 12.72 -28.88
C MET A 308 16.24 13.88 -28.95
N LYS A 309 16.69 14.33 -27.80
CA LYS A 309 17.78 15.29 -27.68
C LYS A 309 18.54 15.00 -26.39
N PRO A 310 19.85 14.82 -26.45
CA PRO A 310 20.60 14.45 -25.25
C PRO A 310 20.63 15.57 -24.22
N PHE A 311 20.67 15.16 -22.95
CA PHE A 311 20.66 16.12 -21.86
C PHE A 311 21.92 16.96 -21.77
N LYS A 312 22.93 16.66 -22.59
CA LYS A 312 24.19 17.39 -22.49
C LYS A 312 24.01 18.87 -22.83
N ASP A 313 23.23 19.17 -23.87
CA ASP A 313 23.11 20.53 -24.37
C ASP A 313 21.84 21.25 -23.96
N MET A 314 20.75 20.53 -23.72
CA MET A 314 19.47 21.18 -23.46
C MET A 314 19.56 22.04 -22.21
N ASP A 315 18.81 23.14 -22.22
CA ASP A 315 18.81 24.06 -21.10
C ASP A 315 18.02 23.47 -19.93
N TYR A 316 17.93 24.24 -18.84
CA TYR A 316 17.24 23.75 -17.65
C TYR A 316 15.76 23.51 -17.94
N SER A 317 15.11 24.42 -18.67
CA SER A 317 13.69 24.28 -18.93
C SER A 317 13.39 22.97 -19.64
N ARG A 318 14.12 22.67 -20.72
CA ARG A 318 13.81 21.49 -21.50
C ARG A 318 14.17 20.21 -20.75
N ILE A 319 15.29 20.20 -20.03
CA ILE A 319 15.67 19.00 -19.29
C ILE A 319 14.66 18.71 -18.20
N ILE A 320 14.18 19.74 -17.51
CA ILE A 320 13.17 19.52 -16.48
C ILE A 320 11.85 19.09 -17.10
N GLU A 321 11.48 19.66 -18.24
CA GLU A 321 10.22 19.29 -18.87
C GLU A 321 10.26 17.85 -19.39
N ARG A 322 11.44 17.37 -19.77
CA ARG A 322 11.57 15.98 -20.20
C ARG A 322 11.58 15.04 -19.00
N LEU A 323 12.27 15.42 -17.93
CA LEU A 323 12.36 14.54 -16.77
C LEU A 323 11.04 14.45 -16.03
N LEU A 324 10.25 15.52 -16.00
CA LEU A 324 8.96 15.43 -15.34
C LEU A 324 7.98 14.57 -16.10
N LYS A 325 8.28 14.20 -17.34
CA LYS A 325 7.50 13.21 -18.06
C LYS A 325 8.09 11.82 -17.95
N LEU A 326 9.40 11.73 -17.76
CA LEU A 326 10.07 10.44 -17.64
C LEU A 326 10.22 9.94 -16.21
N ALA A 327 9.78 10.72 -15.21
CA ALA A 327 10.12 10.40 -13.82
C ALA A 327 9.28 9.26 -13.27
N VAL A 328 7.97 9.30 -13.43
CA VAL A 328 7.13 8.29 -12.78
C VAL A 328 7.39 6.89 -13.30
N PRO A 329 7.50 6.66 -14.62
CA PRO A 329 7.91 5.32 -15.07
C PRO A 329 9.25 4.91 -14.51
N ASN A 330 10.19 5.85 -14.44
CA ASN A 330 11.47 5.57 -13.82
C ASN A 330 11.30 5.15 -12.37
N HIS A 331 10.40 5.80 -11.65
CA HIS A 331 10.22 5.46 -10.25
C HIS A 331 9.59 4.09 -10.08
N LEU A 332 8.66 3.73 -10.96
CA LEU A 332 8.09 2.39 -10.86
C LEU A 332 9.12 1.33 -11.19
N ILE A 333 9.98 1.60 -12.17
CA ILE A 333 11.08 0.68 -12.46
C ILE A 333 11.99 0.56 -11.26
N TRP A 334 12.21 1.67 -10.57
CA TRP A 334 13.08 1.64 -9.40
C TRP A 334 12.49 0.76 -8.30
N LEU A 335 11.19 0.92 -8.02
CA LEU A 335 10.57 0.09 -6.99
C LEU A 335 10.58 -1.38 -7.37
N ILE A 336 10.27 -1.67 -8.64
CA ILE A 336 10.29 -3.06 -9.09
C ILE A 336 11.68 -3.63 -8.96
N PHE A 337 12.71 -2.84 -9.27
CA PHE A 337 14.07 -3.34 -9.18
C PHE A 337 14.51 -3.50 -7.74
N PHE A 338 14.06 -2.63 -6.85
CA PHE A 338 14.34 -2.84 -5.43
C PHE A 338 13.77 -4.17 -4.96
N TYR A 339 12.50 -4.42 -5.26
CA TYR A 339 11.94 -5.70 -4.82
C TYR A 339 12.60 -6.86 -5.53
N TRP A 340 13.05 -6.66 -6.77
CA TRP A 340 13.65 -7.76 -7.50
C TRP A 340 15.00 -8.12 -6.93
N LEU A 341 15.82 -7.12 -6.60
CA LEU A 341 17.14 -7.43 -6.06
C LEU A 341 17.06 -7.75 -4.57
N PHE A 342 16.73 -6.74 -3.76
CA PHE A 342 16.91 -6.78 -2.31
C PHE A 342 15.97 -7.72 -1.61
N HIS A 343 15.02 -8.34 -2.28
CA HIS A 343 14.19 -9.33 -1.63
C HIS A 343 14.07 -10.63 -2.38
N SER A 344 14.25 -10.64 -3.70
CA SER A 344 14.23 -11.90 -4.42
C SER A 344 15.62 -12.43 -4.68
N CYS A 345 16.52 -11.61 -5.25
CA CYS A 345 17.83 -12.13 -5.60
C CYS A 345 18.62 -12.48 -4.34
N LEU A 346 18.71 -11.53 -3.42
CA LEU A 346 19.47 -11.77 -2.21
C LEU A 346 18.85 -12.86 -1.36
N ASN A 347 17.53 -12.97 -1.34
CA ASN A 347 16.92 -14.02 -0.54
C ASN A 347 17.11 -15.39 -1.18
N ALA A 348 17.07 -15.47 -2.51
CA ALA A 348 17.39 -16.74 -3.15
C ALA A 348 18.82 -17.15 -2.87
N VAL A 349 19.75 -16.20 -2.94
CA VAL A 349 21.14 -16.50 -2.62
C VAL A 349 21.25 -16.99 -1.18
N ALA A 350 20.78 -16.17 -0.23
CA ALA A 350 20.90 -16.50 1.18
C ALA A 350 20.11 -17.73 1.56
N GLU A 351 19.19 -18.18 0.73
CA GLU A 351 18.49 -19.43 1.00
C GLU A 351 19.23 -20.62 0.45
N LEU A 352 19.82 -20.49 -0.74
CA LEU A 352 20.65 -21.54 -1.30
C LEU A 352 21.74 -21.95 -0.32
N MET A 353 22.59 -21.00 0.03
CA MET A 353 23.60 -21.19 1.05
C MET A 353 23.05 -20.58 2.33
N GLN A 354 22.59 -21.43 3.24
CA GLN A 354 21.88 -20.94 4.43
C GLN A 354 22.66 -19.82 5.08
N PHE A 355 22.09 -18.63 5.06
CA PHE A 355 22.76 -17.47 5.63
C PHE A 355 22.07 -16.89 6.84
N GLY A 356 20.76 -16.94 6.92
CA GLY A 356 20.08 -16.71 8.17
C GLY A 356 19.88 -15.28 8.58
N ASP A 357 20.69 -14.34 8.13
CA ASP A 357 20.43 -12.95 8.48
C ASP A 357 19.24 -12.41 7.70
N ARG A 358 19.33 -12.43 6.38
CA ARG A 358 18.18 -12.17 5.52
C ARG A 358 17.48 -10.87 5.86
N GLU A 359 18.24 -9.88 6.31
CA GLU A 359 17.71 -8.56 6.62
C GLU A 359 18.50 -7.55 5.80
N PHE A 360 18.06 -7.35 4.56
CA PHE A 360 18.74 -6.50 3.60
C PHE A 360 18.11 -5.14 3.46
N TYR A 361 17.01 -4.88 4.15
CA TYR A 361 16.37 -3.58 4.11
C TYR A 361 15.52 -3.46 5.36
N ARG A 362 15.05 -2.24 5.61
CA ARG A 362 14.11 -2.03 6.70
C ARG A 362 13.01 -1.12 6.19
N ASP A 363 12.18 -0.61 7.09
CA ASP A 363 11.05 0.17 6.61
C ASP A 363 11.51 1.52 6.12
N TRP A 364 12.20 1.55 4.97
CA TRP A 364 12.55 2.83 4.37
C TRP A 364 11.35 3.54 3.77
N TRP A 365 10.21 2.87 3.66
CA TRP A 365 9.06 3.49 3.01
C TRP A 365 8.34 4.42 3.96
N ASN A 366 8.21 4.05 5.23
CA ASN A 366 7.67 4.97 6.21
C ASN A 366 8.80 5.69 6.94
N SER A 367 9.58 6.41 6.16
CA SER A 367 10.76 7.11 6.62
C SER A 367 10.50 8.60 6.58
N GLU A 368 10.29 9.20 7.73
CA GLU A 368 9.90 10.61 7.77
C GLU A 368 11.11 11.52 7.90
N SER A 369 12.14 11.26 7.09
CA SER A 369 13.35 12.06 7.05
C SER A 369 14.26 11.43 6.01
N VAL A 370 15.13 12.25 5.42
CA VAL A 370 16.08 11.70 4.47
C VAL A 370 17.12 10.86 5.18
N THR A 371 17.67 11.35 6.29
CA THR A 371 18.68 10.60 7.00
C THR A 371 18.17 9.27 7.52
N TYR A 372 16.86 9.12 7.71
CA TYR A 372 16.32 7.83 8.09
C TYR A 372 16.10 6.92 6.89
N PHE A 373 15.97 7.50 5.70
CA PHE A 373 15.83 6.65 4.52
C PHE A 373 17.14 5.92 4.24
N TRP A 374 18.25 6.65 4.23
CA TRP A 374 19.53 6.03 3.90
C TRP A 374 19.97 5.03 4.95
N GLN A 375 19.49 5.15 6.18
CA GLN A 375 19.87 4.18 7.20
C GLN A 375 19.15 2.86 7.03
N ASN A 376 18.06 2.83 6.28
CA ASN A 376 17.29 1.62 6.12
C ASN A 376 17.21 1.15 4.69
N TRP A 377 17.61 1.96 3.72
CA TRP A 377 17.70 1.51 2.35
C TRP A 377 19.06 0.87 2.14
N ASN A 378 19.07 -0.33 1.56
CA ASN A 378 20.32 -1.03 1.26
C ASN A 378 21.13 -1.23 2.54
N ILE A 379 20.59 -2.06 3.42
CA ILE A 379 21.24 -2.29 4.72
C ILE A 379 22.67 -2.82 4.57
N PRO A 380 23.00 -3.74 3.65
CA PRO A 380 24.38 -4.19 3.55
C PRO A 380 25.40 -3.07 3.37
N VAL A 381 25.20 -2.25 2.34
CA VAL A 381 26.12 -1.15 2.09
C VAL A 381 26.14 -0.20 3.26
N HIS A 382 25.01 -0.01 3.93
CA HIS A 382 24.98 0.98 4.99
C HIS A 382 25.73 0.49 6.22
N LYS A 383 25.54 -0.77 6.60
CA LYS A 383 26.27 -1.25 7.77
C LYS A 383 27.75 -1.40 7.46
N TRP A 384 28.12 -1.71 6.21
CA TRP A 384 29.52 -1.62 5.84
C TRP A 384 30.03 -0.20 6.04
N CYS A 385 29.34 0.77 5.47
CA CYS A 385 29.76 2.16 5.61
C CYS A 385 29.98 2.50 7.06
N ILE A 386 29.00 2.18 7.91
CA ILE A 386 29.13 2.49 9.32
C ILE A 386 30.39 1.86 9.87
N ARG A 387 30.44 0.54 9.95
CA ARG A 387 31.48 -0.09 10.76
C ARG A 387 32.76 -0.36 9.98
N HIS A 388 32.97 0.29 8.85
CA HIS A 388 34.29 0.28 8.26
C HIS A 388 34.72 1.62 7.72
N PHE A 389 33.89 2.66 7.79
CA PHE A 389 34.30 3.97 7.34
C PHE A 389 33.88 5.10 8.26
N TYR A 390 32.86 4.93 9.09
CA TYR A 390 32.39 6.02 9.93
C TYR A 390 32.87 5.87 11.37
N LYS A 391 32.57 4.73 11.98
CA LYS A 391 33.12 4.46 13.30
C LYS A 391 34.64 4.32 13.29
N PRO A 392 35.26 3.63 12.32
CA PRO A 392 36.73 3.64 12.29
C PRO A 392 37.33 4.99 12.08
N MET A 393 36.58 5.97 11.58
CA MET A 393 37.09 7.31 11.48
C MET A 393 36.73 8.17 12.69
N LEU A 394 35.72 7.78 13.45
CA LEU A 394 35.46 8.46 14.72
C LEU A 394 36.43 8.00 15.80
N ARG A 395 36.88 6.74 15.73
CA ARG A 395 37.89 6.28 16.66
C ARG A 395 39.12 7.16 16.59
N ARG A 396 39.65 7.38 15.39
CA ARG A 396 40.70 8.36 15.17
C ARG A 396 39.99 9.71 14.98
N GLY A 397 39.49 10.25 16.08
CA GLY A 397 38.54 11.35 16.08
C GLY A 397 38.81 12.43 15.06
N SER A 398 37.87 12.60 14.14
CA SER A 398 38.08 13.42 12.96
C SER A 398 36.86 14.29 12.67
N SER A 399 36.39 15.02 13.69
CA SER A 399 35.34 16.00 13.47
C SER A 399 34.07 15.36 12.92
N LYS A 400 33.32 14.69 13.79
CA LYS A 400 32.21 13.82 13.40
C LYS A 400 31.51 14.29 12.13
N TRP A 401 31.24 15.59 12.01
CA TRP A 401 30.66 16.11 10.79
C TRP A 401 31.56 15.82 9.58
N MET A 402 32.87 15.96 9.74
CA MET A 402 33.79 15.70 8.63
C MET A 402 33.77 14.23 8.24
N ALA A 403 33.70 13.33 9.22
CA ALA A 403 33.68 11.91 8.89
C ALA A 403 32.37 11.54 8.18
N ARG A 404 31.25 12.13 8.60
CA ARG A 404 30.00 11.88 7.91
C ARG A 404 30.06 12.38 6.47
N THR A 405 30.61 13.57 6.27
CA THR A 405 30.80 14.07 4.91
C THR A 405 31.71 13.15 4.10
N GLY A 406 32.71 12.55 4.75
CA GLY A 406 33.56 11.62 4.04
C GLY A 406 32.83 10.35 3.64
N VAL A 407 31.95 9.86 4.51
CA VAL A 407 31.10 8.73 4.14
C VAL A 407 30.28 9.05 2.90
N PHE A 408 29.61 10.20 2.92
CA PHE A 408 28.82 10.60 1.76
C PHE A 408 29.69 10.75 0.52
N LEU A 409 30.91 11.25 0.69
CA LEU A 409 31.79 11.44 -0.46
C LEU A 409 32.19 10.10 -1.07
N ALA A 410 32.53 9.13 -0.24
CA ALA A 410 32.87 7.81 -0.77
C ALA A 410 31.70 7.19 -1.49
N SER A 411 30.50 7.31 -0.92
CA SER A 411 29.34 6.72 -1.58
C SER A 411 29.04 7.41 -2.91
N ALA A 412 29.19 8.73 -2.94
CA ALA A 412 29.01 9.46 -4.19
C ALA A 412 29.99 8.99 -5.24
N PHE A 413 31.26 8.84 -4.85
CA PHE A 413 32.25 8.36 -5.80
C PHE A 413 31.89 6.99 -6.34
N PHE A 414 31.40 6.11 -5.47
CA PHE A 414 31.11 4.75 -5.94
C PHE A 414 29.90 4.73 -6.85
N HIS A 415 28.88 5.54 -6.57
CA HIS A 415 27.75 5.61 -7.48
C HIS A 415 28.16 6.16 -8.84
N GLU A 416 29.00 7.20 -8.84
CA GLU A 416 29.51 7.73 -10.10
C GLU A 416 30.31 6.68 -10.86
N TYR A 417 31.22 6.00 -10.16
CA TYR A 417 32.07 5.01 -10.79
C TYR A 417 31.26 3.82 -11.30
N LEU A 418 30.12 3.55 -10.70
CA LEU A 418 29.31 2.43 -11.18
C LEU A 418 28.48 2.84 -12.39
N VAL A 419 27.96 4.05 -12.42
CA VAL A 419 27.05 4.41 -13.50
C VAL A 419 27.77 4.98 -14.71
N SER A 420 28.89 5.66 -14.53
CA SER A 420 29.52 6.40 -15.62
C SER A 420 30.42 5.51 -16.47
N VAL A 421 31.39 4.86 -15.85
CA VAL A 421 32.42 4.11 -16.54
C VAL A 421 31.85 3.10 -17.54
N PRO A 422 30.79 2.35 -17.22
CA PRO A 422 30.21 1.48 -18.25
C PRO A 422 29.69 2.23 -19.46
N LEU A 423 29.18 3.45 -19.27
CA LEU A 423 28.72 4.29 -20.36
C LEU A 423 29.77 5.26 -20.84
N ARG A 424 30.97 5.22 -20.25
CA ARG A 424 32.10 6.04 -20.69
C ARG A 424 31.82 7.52 -20.53
N MET A 425 30.67 7.87 -19.97
CA MET A 425 30.34 9.25 -19.71
C MET A 425 31.01 9.72 -18.42
N PHE A 426 31.21 11.02 -18.33
CA PHE A 426 31.79 11.60 -17.12
C PHE A 426 31.10 12.92 -16.80
N ARG A 427 29.78 12.92 -16.87
CA ARG A 427 29.02 14.14 -16.61
C ARG A 427 29.04 14.54 -15.15
N LEU A 428 29.38 13.62 -14.25
CA LEU A 428 29.43 13.91 -12.82
C LEU A 428 28.05 14.29 -12.29
N TRP A 429 27.08 13.41 -12.53
CA TRP A 429 25.70 13.65 -12.15
C TRP A 429 25.26 12.85 -10.93
N ALA A 430 25.49 11.53 -10.94
CA ALA A 430 25.19 10.73 -9.75
C ALA A 430 25.97 11.22 -8.54
N PHE A 431 27.20 11.68 -8.78
CA PHE A 431 27.96 12.34 -7.72
C PHE A 431 27.20 13.53 -7.18
N THR A 432 26.67 14.38 -8.06
CA THR A 432 25.95 15.56 -7.61
C THR A 432 24.70 15.18 -6.85
N GLY A 433 24.03 14.11 -7.26
CA GLY A 433 22.86 13.67 -6.52
C GLY A 433 23.19 13.19 -5.12
N MET A 434 24.14 12.27 -5.01
CA MET A 434 24.53 11.77 -3.70
C MET A 434 25.06 12.87 -2.81
N MET A 435 25.67 13.91 -3.39
CA MET A 435 26.15 15.00 -2.56
C MET A 435 25.01 15.92 -2.15
N ALA A 436 24.06 16.16 -3.06
CA ALA A 436 22.91 16.99 -2.72
C ALA A 436 22.04 16.33 -1.67
N GLN A 437 22.23 15.03 -1.44
CA GLN A 437 21.47 14.38 -0.37
C GLN A 437 21.69 15.01 0.99
N ILE A 438 22.75 15.80 1.18
CA ILE A 438 22.98 16.44 2.48
C ILE A 438 22.09 17.66 2.67
N PRO A 439 22.15 18.69 1.82
CA PRO A 439 21.25 19.83 2.02
C PRO A 439 19.80 19.42 1.92
N LEU A 440 19.49 18.45 1.08
CA LEU A 440 18.13 17.95 1.01
C LEU A 440 17.71 17.32 2.33
N ALA A 441 18.63 16.61 2.99
CA ALA A 441 18.32 16.06 4.30
C ALA A 441 18.00 17.16 5.29
N TRP A 442 18.85 18.19 5.35
CA TRP A 442 18.58 19.32 6.24
C TRP A 442 17.23 19.94 5.93
N PHE A 443 16.94 20.16 4.65
CA PHE A 443 15.70 20.79 4.23
C PHE A 443 14.49 19.98 4.69
N VAL A 444 14.42 18.71 4.27
CA VAL A 444 13.26 17.88 4.57
C VAL A 444 13.13 17.62 6.07
N GLY A 445 14.22 17.73 6.82
CA GLY A 445 14.11 17.57 8.26
C GLY A 445 13.60 18.82 8.94
N ARG A 446 14.06 19.98 8.47
CA ARG A 446 13.72 21.22 9.15
C ARG A 446 12.31 21.67 8.80
N PHE A 447 11.86 21.43 7.58
CA PHE A 447 10.57 22.00 7.18
C PHE A 447 9.42 21.02 7.41
N PHE A 448 9.46 19.87 6.75
CA PHE A 448 8.34 18.94 6.77
C PHE A 448 8.50 17.94 7.90
N GLN A 449 7.38 17.46 8.41
CA GLN A 449 7.37 16.64 9.60
C GLN A 449 6.22 15.64 9.52
N GLY A 450 6.43 14.47 10.12
CA GLY A 450 5.36 13.48 10.17
C GLY A 450 5.03 12.94 8.80
N ASN A 451 3.74 12.66 8.58
CA ASN A 451 3.32 12.11 7.30
C ASN A 451 3.65 13.06 6.15
N TYR A 452 3.70 14.35 6.41
CA TYR A 452 4.13 15.27 5.37
C TYR A 452 5.63 15.17 5.13
N GLY A 453 6.42 14.90 6.16
CA GLY A 453 7.81 14.59 5.93
C GLY A 453 7.99 13.34 5.09
N ASN A 454 7.15 12.33 5.33
CA ASN A 454 7.20 11.12 4.52
C ASN A 454 6.83 11.42 3.07
N ALA A 455 5.82 12.25 2.85
CA ALA A 455 5.48 12.62 1.48
C ALA A 455 6.61 13.40 0.82
N ALA A 456 7.32 14.21 1.59
CA ALA A 456 8.47 14.92 1.04
C ALA A 456 9.59 13.95 0.66
N VAL A 457 9.81 12.91 1.46
CA VAL A 457 10.81 11.92 1.10
C VAL A 457 10.41 11.17 -0.16
N TRP A 458 9.13 10.82 -0.28
CA TRP A 458 8.69 10.14 -1.49
C TRP A 458 8.85 11.04 -2.71
N LEU A 459 8.51 12.31 -2.58
CA LEU A 459 8.76 13.25 -3.68
C LEU A 459 10.23 13.30 -4.03
N SER A 460 11.09 13.32 -3.03
CA SER A 460 12.52 13.34 -3.27
C SER A 460 13.05 12.01 -3.78
N LEU A 461 12.26 10.96 -3.77
CA LEU A 461 12.66 9.75 -4.46
C LEU A 461 12.12 9.67 -5.88
N ILE A 462 11.06 10.41 -6.17
CA ILE A 462 10.51 10.38 -7.53
C ILE A 462 11.38 11.20 -8.47
N ILE A 463 11.88 12.34 -8.02
CA ILE A 463 12.81 13.09 -8.85
C ILE A 463 14.24 12.91 -8.35
N GLY A 464 14.57 13.48 -7.20
CA GLY A 464 15.72 13.06 -6.41
C GLY A 464 16.97 12.54 -7.08
N GLN A 465 17.49 11.43 -6.55
CA GLN A 465 18.73 10.78 -6.96
C GLN A 465 18.56 9.83 -8.15
N PRO A 466 17.50 9.01 -8.23
CA PRO A 466 17.40 8.09 -9.39
C PRO A 466 17.32 8.78 -10.74
N ILE A 467 16.85 10.02 -10.78
CA ILE A 467 16.87 10.76 -12.03
C ILE A 467 18.29 10.89 -12.58
N ALA A 468 19.31 10.79 -11.73
CA ALA A 468 20.68 10.85 -12.23
C ALA A 468 21.01 9.65 -13.12
N VAL A 469 20.73 8.43 -12.62
CA VAL A 469 20.96 7.25 -13.44
C VAL A 469 20.05 7.28 -14.67
N LEU A 470 18.85 7.85 -14.53
CA LEU A 470 18.00 7.99 -15.71
C LEU A 470 18.65 8.88 -16.75
N MET A 471 19.22 10.01 -16.32
CA MET A 471 19.88 10.91 -17.26
C MET A 471 21.03 10.21 -17.97
N TYR A 472 21.82 9.46 -17.23
CA TYR A 472 22.92 8.72 -17.85
C TYR A 472 22.40 7.77 -18.92
N VAL A 473 21.49 6.87 -18.55
CA VAL A 473 21.04 5.87 -19.51
C VAL A 473 20.32 6.51 -20.68
N HIS A 474 19.61 7.61 -20.47
CA HIS A 474 18.91 8.27 -21.56
C HIS A 474 19.90 8.88 -22.53
N ASP A 475 20.86 9.65 -22.03
CA ASP A 475 21.84 10.25 -22.94
C ASP A 475 22.70 9.19 -23.61
N TYR A 476 22.78 7.99 -23.05
CA TYR A 476 23.46 6.93 -23.80
C TYR A 476 22.57 6.33 -24.87
N TYR A 477 21.28 6.19 -24.59
CA TYR A 477 20.40 5.59 -25.58
C TYR A 477 20.11 6.54 -26.73
N VAL A 478 20.21 7.84 -26.50
CA VAL A 478 19.81 8.83 -27.49
C VAL A 478 20.97 9.04 -28.46
N LEU A 479 22.12 8.45 -28.15
CA LEU A 479 23.30 8.59 -28.99
C LEU A 479 23.78 7.28 -29.58
N ASN A 480 23.05 6.18 -29.38
CA ASN A 480 23.46 4.89 -29.92
C ASN A 480 22.36 4.15 -30.64
N TYR A 481 21.18 4.73 -30.80
CA TYR A 481 20.09 4.06 -31.47
C TYR A 481 19.24 5.05 -32.25
N LEU B 66 31.44 -7.75 19.26
CA LEU B 66 30.27 -8.61 19.47
C LEU B 66 29.86 -9.29 18.17
N ARG B 67 28.59 -9.11 17.79
CA ARG B 67 28.06 -9.66 16.55
C ARG B 67 27.43 -8.53 15.75
N CYS B 68 27.36 -8.74 14.43
CA CYS B 68 26.66 -7.82 13.56
C CYS B 68 25.67 -8.52 12.65
N HIS B 69 25.55 -9.85 12.73
CA HIS B 69 24.58 -10.60 11.95
C HIS B 69 23.73 -11.42 12.90
N ARG B 70 22.49 -10.99 13.11
CA ARG B 70 21.52 -11.77 13.87
C ARG B 70 20.94 -12.85 12.96
N LEU B 71 19.86 -13.48 13.40
CA LEU B 71 19.17 -14.46 12.58
C LEU B 71 17.71 -14.00 12.48
N GLN B 72 17.43 -13.18 11.47
CA GLN B 72 16.09 -12.60 11.32
C GLN B 72 15.56 -12.85 9.92
N ASP B 73 14.43 -12.25 9.57
CA ASP B 73 13.83 -12.43 8.26
C ASP B 73 13.54 -11.07 7.64
N SER B 74 13.43 -11.07 6.32
CA SER B 74 13.13 -9.86 5.58
C SER B 74 11.73 -9.39 5.95
N LEU B 75 11.51 -8.07 5.83
CA LEU B 75 10.25 -7.52 6.29
C LEU B 75 9.09 -7.94 5.40
N PHE B 76 9.29 -7.97 4.09
CA PHE B 76 8.22 -8.43 3.21
C PHE B 76 8.00 -9.92 3.31
N SER B 77 8.84 -10.64 4.04
CA SER B 77 8.75 -12.08 4.05
C SER B 77 7.44 -12.53 4.66
N SER B 78 6.92 -13.63 4.14
CA SER B 78 5.56 -14.08 4.43
C SER B 78 5.40 -14.44 5.91
N ASP B 79 6.49 -14.41 6.67
CA ASP B 79 6.47 -14.89 8.04
C ASP B 79 7.27 -14.01 8.99
N SER B 80 7.42 -12.73 8.67
CA SER B 80 8.20 -11.86 9.52
C SER B 80 7.36 -11.14 10.57
N GLY B 81 6.09 -10.87 10.27
CA GLY B 81 5.25 -10.17 11.20
C GLY B 81 5.68 -8.73 11.40
N PHE B 82 5.78 -7.97 10.31
CA PHE B 82 6.18 -6.57 10.43
C PHE B 82 4.97 -5.64 10.48
N SER B 83 4.19 -5.62 9.39
CA SER B 83 2.92 -4.90 9.33
C SER B 83 3.04 -3.47 9.88
N ASN B 84 3.84 -2.66 9.18
CA ASN B 84 3.99 -1.26 9.51
C ASN B 84 4.05 -0.42 8.25
N TYR B 85 3.17 -0.69 7.31
CA TYR B 85 3.25 -0.07 5.99
C TYR B 85 2.47 1.24 5.91
N ARG B 86 2.68 2.14 6.86
CA ARG B 86 2.10 3.46 6.73
C ARG B 86 3.02 4.32 5.88
N GLY B 87 3.45 3.77 4.75
CA GLY B 87 4.17 4.56 3.78
C GLY B 87 3.73 4.15 2.41
N ILE B 88 2.92 3.10 2.35
CA ILE B 88 2.34 2.69 1.08
C ILE B 88 1.07 3.48 0.81
N LEU B 89 0.31 3.78 1.85
CA LEU B 89 -0.83 4.67 1.69
C LEU B 89 -0.37 6.07 1.33
N ASN B 90 0.69 6.56 1.96
CA ASN B 90 1.21 7.86 1.57
C ASN B 90 1.78 7.83 0.17
N TRP B 91 2.32 6.69 -0.26
CA TRP B 91 2.75 6.60 -1.65
C TRP B 91 1.58 6.70 -2.59
N CYS B 92 0.49 5.98 -2.29
CA CYS B 92 -0.69 6.09 -3.13
C CYS B 92 -1.19 7.52 -3.17
N VAL B 93 -1.17 8.21 -2.04
CA VAL B 93 -1.65 9.58 -1.99
C VAL B 93 -0.78 10.49 -2.86
N VAL B 94 0.54 10.40 -2.69
CA VAL B 94 1.40 11.31 -3.44
C VAL B 94 1.39 10.98 -4.92
N MET B 95 1.19 9.72 -5.30
CA MET B 95 1.09 9.41 -6.72
C MET B 95 -0.23 9.89 -7.30
N LEU B 96 -1.33 9.72 -6.57
CA LEU B 96 -2.61 10.27 -7.04
C LEU B 96 -2.51 11.76 -7.24
N ILE B 97 -1.88 12.47 -6.30
CA ILE B 97 -1.75 13.92 -6.45
C ILE B 97 -0.88 14.25 -7.65
N LEU B 98 0.28 13.61 -7.77
CA LEU B 98 1.13 13.88 -8.92
C LEU B 98 0.41 13.63 -10.23
N SER B 99 -0.50 12.67 -10.27
CA SER B 99 -1.16 12.36 -11.53
C SER B 99 -2.35 13.25 -11.81
N ASN B 100 -3.04 13.76 -10.78
CA ASN B 100 -4.31 14.43 -11.02
C ASN B 100 -4.41 15.81 -10.42
N ALA B 101 -3.32 16.40 -9.92
CA ALA B 101 -3.44 17.69 -9.27
C ALA B 101 -3.70 18.81 -10.26
N ARG B 102 -3.05 18.76 -11.43
CA ARG B 102 -3.29 19.79 -12.43
C ARG B 102 -4.75 19.83 -12.81
N LEU B 103 -5.30 18.69 -13.22
CA LEU B 103 -6.70 18.62 -13.58
C LEU B 103 -7.60 19.00 -12.42
N PHE B 104 -7.24 18.62 -11.19
CA PHE B 104 -8.10 18.96 -10.06
C PHE B 104 -8.13 20.45 -9.84
N LEU B 105 -6.98 21.12 -9.91
CA LEU B 105 -6.97 22.57 -9.74
C LEU B 105 -7.77 23.26 -10.83
N GLU B 106 -7.60 22.83 -12.08
CA GLU B 106 -8.36 23.43 -13.17
C GLU B 106 -9.86 23.24 -12.96
N ASN B 107 -10.30 22.01 -12.68
CA ASN B 107 -11.71 21.75 -12.51
C ASN B 107 -12.27 22.43 -11.27
N LEU B 108 -11.46 22.60 -10.23
CA LEU B 108 -11.92 23.30 -9.04
C LEU B 108 -12.15 24.77 -9.36
N ILE B 109 -11.24 25.40 -10.09
CA ILE B 109 -11.45 26.79 -10.46
C ILE B 109 -12.61 26.92 -11.44
N LYS B 110 -12.89 25.87 -12.21
CA LYS B 110 -13.98 25.90 -13.17
C LYS B 110 -15.34 25.75 -12.50
N TYR B 111 -15.44 24.88 -11.49
CA TYR B 111 -16.72 24.58 -10.86
C TYR B 111 -16.81 25.10 -9.43
N GLY B 112 -15.95 26.04 -9.05
CA GLY B 112 -16.09 26.68 -7.75
C GLY B 112 -16.70 28.06 -7.83
N ILE B 113 -16.68 28.65 -9.04
CA ILE B 113 -17.26 29.97 -9.24
C ILE B 113 -18.79 29.95 -9.15
N LEU B 114 -19.40 28.78 -9.11
CA LEU B 114 -20.85 28.67 -9.09
C LEU B 114 -21.39 28.92 -7.68
N VAL B 115 -22.69 29.23 -7.61
CA VAL B 115 -23.36 29.60 -6.38
C VAL B 115 -24.42 28.54 -6.06
N ASP B 116 -24.12 27.29 -6.41
CA ASP B 116 -25.02 26.14 -6.41
C ASP B 116 -26.03 26.10 -5.27
N PRO B 117 -25.61 26.16 -3.99
CA PRO B 117 -26.57 25.87 -2.91
C PRO B 117 -27.78 26.79 -2.88
N ILE B 118 -27.58 28.10 -2.83
CA ILE B 118 -28.70 29.02 -2.65
C ILE B 118 -29.58 29.04 -3.89
N GLN B 119 -28.96 29.07 -5.07
CA GLN B 119 -29.74 29.09 -6.30
C GLN B 119 -30.59 27.83 -6.43
N VAL B 120 -30.01 26.67 -6.12
CA VAL B 120 -30.74 25.42 -6.28
C VAL B 120 -31.83 25.29 -5.22
N VAL B 121 -31.56 25.71 -3.98
CA VAL B 121 -32.60 25.60 -2.96
C VAL B 121 -33.74 26.57 -3.26
N SER B 122 -33.45 27.73 -3.84
CA SER B 122 -34.52 28.63 -4.25
C SER B 122 -35.31 28.03 -5.41
N LEU B 123 -34.60 27.48 -6.40
CA LEU B 123 -35.26 26.84 -7.53
C LEU B 123 -36.13 25.68 -7.10
N PHE B 124 -35.78 25.04 -5.98
CA PHE B 124 -36.59 23.92 -5.49
C PHE B 124 -37.78 24.40 -4.68
N LEU B 125 -37.54 25.30 -3.71
CA LEU B 125 -38.64 25.80 -2.89
C LEU B 125 -39.66 26.53 -3.75
N LYS B 126 -39.22 27.10 -4.87
CA LYS B 126 -40.14 27.67 -5.84
C LYS B 126 -41.12 26.63 -6.37
N ASP B 127 -40.65 25.42 -6.63
CA ASP B 127 -41.49 24.39 -7.23
C ASP B 127 -41.30 23.09 -6.49
N PRO B 128 -42.11 22.84 -5.45
CA PRO B 128 -41.99 21.58 -4.70
C PRO B 128 -42.72 20.40 -5.35
N TYR B 129 -42.63 20.25 -6.67
CA TYR B 129 -43.07 19.04 -7.35
C TYR B 129 -42.15 18.65 -8.50
N SER B 130 -41.06 19.38 -8.70
CA SER B 130 -40.16 19.15 -9.84
C SER B 130 -38.88 18.48 -9.33
N TRP B 131 -38.93 18.03 -8.09
CA TRP B 131 -37.80 17.40 -7.44
C TRP B 131 -38.31 16.47 -6.34
N PRO B 132 -38.92 15.34 -6.70
CA PRO B 132 -39.59 14.53 -5.67
C PRO B 132 -38.64 13.89 -4.69
N ALA B 133 -37.38 13.67 -5.05
CA ALA B 133 -36.45 13.08 -4.07
C ALA B 133 -36.18 14.03 -2.91
N PRO B 134 -35.81 15.30 -3.12
CA PRO B 134 -35.74 16.22 -1.98
C PRO B 134 -37.10 16.48 -1.34
N CYS B 135 -38.19 16.02 -1.91
CA CYS B 135 -39.46 16.08 -1.20
C CYS B 135 -39.60 14.91 -0.23
N LEU B 136 -39.18 13.71 -0.64
CA LEU B 136 -39.23 12.57 0.28
C LEU B 136 -38.24 12.76 1.43
N VAL B 137 -37.06 13.30 1.13
CA VAL B 137 -36.07 13.52 2.18
C VAL B 137 -36.65 14.41 3.27
N ILE B 138 -37.48 15.39 2.89
CA ILE B 138 -38.08 16.25 3.89
C ILE B 138 -39.30 15.59 4.51
N ALA B 139 -40.04 14.79 3.76
CA ALA B 139 -41.22 14.14 4.30
C ALA B 139 -40.90 13.08 5.33
N ALA B 140 -39.67 12.56 5.34
CA ALA B 140 -39.30 11.60 6.39
C ALA B 140 -39.35 12.23 7.78
N ASN B 141 -39.35 13.56 7.88
CA ASN B 141 -39.44 14.20 9.17
C ASN B 141 -40.77 13.90 9.86
N VAL B 142 -41.82 13.62 9.10
CA VAL B 142 -43.06 13.30 9.78
C VAL B 142 -42.93 11.97 10.50
N PHE B 143 -42.14 11.05 9.95
CA PHE B 143 -41.92 9.78 10.65
C PHE B 143 -41.02 9.97 11.85
N ALA B 144 -39.99 10.81 11.70
CA ALA B 144 -39.16 11.13 12.87
C ALA B 144 -40.01 11.69 14.00
N VAL B 145 -40.86 12.66 13.69
CA VAL B 145 -41.70 13.29 14.70
C VAL B 145 -42.72 12.32 15.24
N ALA B 146 -43.25 11.42 14.41
CA ALA B 146 -44.22 10.45 14.90
C ALA B 146 -43.58 9.50 15.91
N ALA B 147 -42.38 9.02 15.60
CA ALA B 147 -41.68 8.17 16.57
C ALA B 147 -41.40 8.92 17.85
N PHE B 148 -40.96 10.18 17.73
CA PHE B 148 -40.70 10.98 18.93
C PHE B 148 -41.96 11.16 19.76
N GLN B 149 -43.10 11.35 19.11
CA GLN B 149 -44.33 11.59 19.85
C GLN B 149 -44.78 10.33 20.56
N VAL B 150 -44.75 9.19 19.88
CA VAL B 150 -45.08 7.94 20.55
C VAL B 150 -44.16 7.73 21.74
N GLU B 151 -42.87 8.05 21.57
CA GLU B 151 -41.93 7.85 22.66
C GLU B 151 -42.25 8.75 23.85
N LYS B 152 -42.57 10.01 23.59
CA LYS B 152 -42.85 10.92 24.69
C LYS B 152 -44.12 10.52 25.43
N ARG B 153 -45.17 10.19 24.68
CA ARG B 153 -46.38 9.71 25.33
C ARG B 153 -46.10 8.47 26.16
N LEU B 154 -45.26 7.57 25.64
CA LEU B 154 -44.94 6.35 26.36
C LEU B 154 -44.10 6.63 27.59
N ALA B 155 -43.32 7.70 27.57
CA ALA B 155 -42.53 8.05 28.74
C ALA B 155 -43.41 8.67 29.83
N VAL B 156 -44.36 9.51 29.43
CA VAL B 156 -45.24 10.11 30.44
C VAL B 156 -46.13 9.04 31.06
N GLY B 157 -46.55 8.06 30.28
CA GLY B 157 -47.33 6.96 30.83
C GLY B 157 -48.42 6.43 29.93
N ALA B 158 -48.91 7.27 29.02
CA ALA B 158 -49.96 6.84 28.11
C ALA B 158 -49.42 5.84 27.10
N LEU B 159 -50.35 5.17 26.41
CA LEU B 159 -50.03 4.21 25.34
C LEU B 159 -49.12 3.09 25.86
N THR B 160 -49.71 2.26 26.71
CA THR B 160 -48.97 1.21 27.40
C THR B 160 -48.14 0.37 26.43
N GLU B 161 -47.10 -0.25 26.99
CA GLU B 161 -46.00 -0.83 26.22
C GLU B 161 -46.41 -1.57 24.96
N GLN B 162 -47.46 -2.40 25.06
CA GLN B 162 -47.90 -3.14 23.87
C GLN B 162 -48.35 -2.19 22.77
N ALA B 163 -49.16 -1.19 23.12
CA ALA B 163 -49.60 -0.21 22.13
C ALA B 163 -48.43 0.58 21.58
N GLY B 164 -47.45 0.91 22.42
CA GLY B 164 -46.30 1.65 21.93
C GLY B 164 -45.49 0.85 20.93
N LEU B 165 -45.24 -0.42 21.23
CA LEU B 165 -44.56 -1.28 20.27
C LEU B 165 -45.36 -1.38 18.98
N LEU B 166 -46.68 -1.51 19.08
CA LEU B 166 -47.51 -1.58 17.88
C LEU B 166 -47.35 -0.32 17.03
N LEU B 167 -47.44 0.84 17.65
CA LEU B 167 -47.34 2.09 16.91
C LEU B 167 -45.98 2.23 16.27
N HIS B 168 -44.93 1.81 16.97
CA HIS B 168 -43.60 1.93 16.38
C HIS B 168 -43.42 0.97 15.22
N VAL B 169 -43.97 -0.23 15.32
CA VAL B 169 -43.89 -1.15 14.18
C VAL B 169 -44.63 -0.58 12.98
N ALA B 170 -45.79 0.01 13.21
CA ALA B 170 -46.51 0.63 12.10
C ALA B 170 -45.71 1.77 11.50
N ASN B 171 -45.09 2.60 12.33
CA ASN B 171 -44.33 3.73 11.83
C ASN B 171 -43.10 3.28 11.04
N LEU B 172 -42.44 2.22 11.49
CA LEU B 172 -41.26 1.74 10.77
C LEU B 172 -41.65 1.08 9.45
N ALA B 173 -42.70 0.25 9.46
CA ALA B 173 -43.17 -0.31 8.21
C ALA B 173 -43.57 0.77 7.23
N THR B 174 -44.11 1.89 7.73
CA THR B 174 -44.41 3.01 6.85
C THR B 174 -43.13 3.62 6.30
N ILE B 175 -42.13 3.84 7.16
CA ILE B 175 -40.85 4.39 6.71
C ILE B 175 -40.30 3.57 5.56
N LEU B 176 -40.41 2.25 5.64
CA LEU B 176 -39.89 1.44 4.56
C LEU B 176 -40.80 1.48 3.33
N CYS B 177 -42.05 1.03 3.47
CA CYS B 177 -42.92 0.81 2.32
C CYS B 177 -43.50 2.10 1.74
N PHE B 178 -43.21 3.26 2.30
CA PHE B 178 -43.74 4.48 1.69
C PHE B 178 -42.89 4.93 0.51
N PRO B 179 -41.58 5.15 0.66
CA PRO B 179 -40.82 5.65 -0.48
C PRO B 179 -40.66 4.62 -1.57
N ALA B 180 -40.72 3.33 -1.25
CA ALA B 180 -40.77 2.32 -2.30
C ALA B 180 -41.96 2.57 -3.21
N ALA B 181 -43.12 2.81 -2.61
CA ALA B 181 -44.31 3.09 -3.41
C ALA B 181 -44.20 4.43 -4.12
N VAL B 182 -43.59 5.44 -3.50
CA VAL B 182 -43.50 6.73 -4.14
C VAL B 182 -42.59 6.67 -5.37
N VAL B 183 -41.45 5.98 -5.25
CA VAL B 183 -40.54 5.89 -6.39
C VAL B 183 -40.94 4.79 -7.36
N LEU B 184 -41.92 3.96 -7.02
CA LEU B 184 -42.44 2.99 -7.96
C LEU B 184 -43.71 3.47 -8.66
N LEU B 185 -44.36 4.51 -8.15
CA LEU B 185 -45.55 5.07 -8.76
C LEU B 185 -45.36 6.54 -9.12
N VAL B 186 -44.12 6.95 -9.39
CA VAL B 186 -43.83 8.27 -9.92
C VAL B 186 -42.73 8.10 -10.95
N GLU B 187 -42.99 8.57 -12.17
CA GLU B 187 -42.07 8.39 -13.29
C GLU B 187 -41.18 9.60 -13.53
N SER B 188 -41.42 10.70 -12.82
CA SER B 188 -40.66 11.93 -13.01
C SER B 188 -39.38 11.96 -12.17
N ILE B 189 -38.96 10.83 -11.61
CA ILE B 189 -37.89 10.80 -10.62
C ILE B 189 -36.67 10.13 -11.23
N THR B 190 -35.55 10.60 -10.84
CA THR B 190 -34.24 10.21 -11.32
C THR B 190 -33.68 9.05 -10.52
N PRO B 191 -32.86 8.20 -11.13
CA PRO B 191 -32.31 7.05 -10.38
C PRO B 191 -31.39 7.45 -9.24
N VAL B 192 -30.53 8.46 -9.44
CA VAL B 192 -29.64 8.87 -8.35
C VAL B 192 -30.44 9.54 -7.25
N GLY B 193 -31.37 10.41 -7.61
CA GLY B 193 -32.23 11.01 -6.60
C GLY B 193 -33.07 9.96 -5.87
N SER B 194 -33.57 8.98 -6.62
CA SER B 194 -34.31 7.90 -5.98
C SER B 194 -33.45 7.13 -5.01
N LEU B 195 -32.20 6.87 -5.39
CA LEU B 195 -31.30 6.14 -4.51
C LEU B 195 -31.01 6.92 -3.24
N LEU B 196 -30.77 8.22 -3.37
CA LEU B 196 -30.50 9.00 -2.17
C LEU B 196 -31.73 9.11 -1.28
N ALA B 197 -32.93 9.21 -1.87
CA ALA B 197 -34.13 9.20 -1.05
C ALA B 197 -34.26 7.88 -0.30
N LEU B 198 -34.08 6.76 -1.00
CA LEU B 198 -34.19 5.47 -0.34
C LEU B 198 -33.10 5.26 0.70
N MET B 199 -31.91 5.81 0.48
CA MET B 199 -30.86 5.64 1.46
C MET B 199 -31.11 6.48 2.69
N ALA B 200 -31.59 7.71 2.51
CA ALA B 200 -31.99 8.50 3.66
C ALA B 200 -33.08 7.80 4.44
N HIS B 201 -34.01 7.14 3.75
CA HIS B 201 -35.10 6.50 4.47
C HIS B 201 -34.67 5.22 5.17
N THR B 202 -33.77 4.43 4.58
CA THR B 202 -33.32 3.25 5.30
C THR B 202 -32.41 3.63 6.46
N ILE B 203 -31.62 4.69 6.34
CA ILE B 203 -30.85 5.15 7.48
C ILE B 203 -31.77 5.64 8.58
N LEU B 204 -32.82 6.38 8.21
CA LEU B 204 -33.79 6.80 9.21
C LEU B 204 -34.46 5.61 9.86
N PHE B 205 -34.76 4.57 9.09
CA PHE B 205 -35.38 3.38 9.65
C PHE B 205 -34.48 2.73 10.69
N LEU B 206 -33.21 2.53 10.36
CA LEU B 206 -32.30 1.90 11.31
C LEU B 206 -32.11 2.76 12.54
N LYS B 207 -31.96 4.07 12.36
CA LYS B 207 -31.79 4.96 13.50
C LYS B 207 -33.02 4.94 14.41
N LEU B 208 -34.22 4.91 13.83
CA LEU B 208 -35.40 4.90 14.68
C LEU B 208 -35.61 3.56 15.36
N PHE B 209 -35.25 2.47 14.69
CA PHE B 209 -35.27 1.18 15.36
C PHE B 209 -34.38 1.19 16.59
N SER B 210 -33.18 1.75 16.45
CA SER B 210 -32.28 1.83 17.60
C SER B 210 -32.83 2.75 18.67
N TYR B 211 -33.43 3.87 18.26
CA TYR B 211 -34.04 4.79 19.20
C TYR B 211 -35.09 4.08 20.05
N ARG B 212 -35.98 3.34 19.39
CA ARG B 212 -36.99 2.58 20.09
C ARG B 212 -36.36 1.59 21.07
N ASP B 213 -35.37 0.83 20.61
CA ASP B 213 -34.78 -0.18 21.48
C ASP B 213 -34.14 0.45 22.71
N VAL B 214 -33.37 1.51 22.52
CA VAL B 214 -32.66 2.13 23.64
C VAL B 214 -33.64 2.70 24.63
N ASN B 215 -34.68 3.40 24.14
CA ASN B 215 -35.61 3.97 25.10
C ASN B 215 -36.41 2.88 25.81
N SER B 216 -36.71 1.78 25.13
CA SER B 216 -37.33 0.64 25.80
C SER B 216 -36.46 0.13 26.93
N TRP B 217 -35.18 -0.10 26.65
CA TRP B 217 -34.28 -0.60 27.68
C TRP B 217 -34.22 0.35 28.87
N CYS B 218 -34.01 1.63 28.59
CA CYS B 218 -33.84 2.57 29.70
C CYS B 218 -35.13 2.77 30.47
N ARG B 219 -36.28 2.70 29.80
CA ARG B 219 -37.55 2.83 30.51
C ARG B 219 -37.82 1.64 31.40
N ARG B 220 -37.58 0.43 30.89
CA ARG B 220 -37.75 -0.75 31.73
C ARG B 220 -36.76 -0.74 32.88
N ALA B 221 -35.55 -0.22 32.65
CA ALA B 221 -34.58 -0.11 33.74
C ALA B 221 -35.07 0.84 34.82
N ARG B 222 -35.60 2.00 34.42
CA ARG B 222 -36.15 2.93 35.40
C ARG B 222 -37.32 2.32 36.15
N ALA B 223 -38.19 1.60 35.44
CA ALA B 223 -39.34 0.99 36.10
C ALA B 223 -38.89 -0.07 37.11
N LYS B 224 -37.88 -0.86 36.76
CA LYS B 224 -37.36 -1.84 37.71
C LYS B 224 -36.72 -1.15 38.90
N ALA B 225 -35.95 -0.10 38.67
CA ALA B 225 -35.31 0.60 39.78
C ALA B 225 -36.34 1.27 40.68
N ALA B 226 -37.50 1.62 40.14
CA ALA B 226 -38.53 2.28 40.94
C ALA B 226 -39.10 1.37 42.02
N SER B 227 -38.87 0.07 41.93
CA SER B 227 -39.32 -0.88 42.96
C SER B 227 -38.26 -1.14 44.01
N ALA B 228 -37.38 -0.18 44.26
CA ALA B 228 -36.34 -0.34 45.26
C ALA B 228 -36.67 0.46 46.52
N HIS B 239 -22.11 16.68 32.36
CA HIS B 239 -22.77 15.72 33.24
C HIS B 239 -23.61 14.73 32.43
N THR B 240 -23.74 13.52 32.96
CA THR B 240 -24.50 12.48 32.28
C THR B 240 -25.98 12.84 32.21
N VAL B 241 -26.76 12.01 31.54
CA VAL B 241 -28.18 12.23 31.33
C VAL B 241 -28.92 10.95 31.66
N SER B 242 -29.99 11.07 32.45
CA SER B 242 -30.79 9.92 32.84
C SER B 242 -31.75 9.56 31.71
N TYR B 243 -32.72 8.69 31.97
CA TYR B 243 -33.55 8.20 30.88
C TYR B 243 -34.50 9.27 30.34
N PRO B 244 -35.48 9.75 31.10
CA PRO B 244 -36.58 10.50 30.48
C PRO B 244 -36.23 11.92 30.11
N ASP B 245 -35.14 12.47 30.63
CA ASP B 245 -34.79 13.85 30.39
C ASP B 245 -34.05 14.07 29.07
N ASN B 246 -33.86 13.02 28.27
CA ASN B 246 -33.23 13.16 26.97
C ASN B 246 -34.23 13.42 25.85
N LEU B 247 -35.51 13.14 26.09
CA LEU B 247 -36.53 13.23 25.05
C LEU B 247 -36.81 14.70 24.74
N THR B 248 -35.92 15.29 23.96
CA THR B 248 -36.12 16.62 23.43
C THR B 248 -35.82 16.60 21.94
N TYR B 249 -36.39 17.57 21.22
CA TYR B 249 -36.20 17.61 19.78
C TYR B 249 -34.75 17.86 19.41
N ARG B 250 -34.02 18.63 20.21
CA ARG B 250 -32.61 18.83 19.93
C ARG B 250 -31.85 17.51 20.01
N ASP B 251 -32.18 16.66 20.97
CA ASP B 251 -31.53 15.36 21.07
C ASP B 251 -31.87 14.50 19.85
N LEU B 252 -33.15 14.41 19.50
CA LEU B 252 -33.53 13.56 18.39
C LEU B 252 -32.87 14.02 17.10
N TYR B 253 -32.83 15.32 16.86
CA TYR B 253 -32.26 15.80 15.60
C TYR B 253 -30.76 15.97 15.65
N TYR B 254 -30.12 15.78 16.79
CA TYR B 254 -28.69 15.55 16.77
C TYR B 254 -28.38 14.09 16.52
N PHE B 255 -29.27 13.20 16.95
CA PHE B 255 -29.06 11.78 16.70
C PHE B 255 -29.30 11.45 15.24
N LEU B 256 -30.32 12.05 14.62
CA LEU B 256 -30.65 11.71 13.25
C LEU B 256 -29.52 12.04 12.30
N PHE B 257 -28.83 13.15 12.53
CA PHE B 257 -27.71 13.53 11.69
C PHE B 257 -26.37 13.08 12.24
N ALA B 258 -26.36 12.13 13.06
CA ALA B 258 -25.04 11.77 13.54
C ALA B 258 -24.51 10.56 12.78
N PRO B 259 -23.22 10.48 12.57
CA PRO B 259 -22.66 9.35 11.82
C PRO B 259 -22.72 8.05 12.58
N THR B 260 -23.91 7.63 12.98
CA THR B 260 -24.05 6.38 13.70
C THR B 260 -25.48 5.91 13.62
N LEU B 261 -25.67 4.61 13.43
CA LEU B 261 -26.99 4.03 13.45
C LEU B 261 -27.37 3.52 14.83
N CYS B 262 -26.51 3.68 15.82
CA CYS B 262 -26.72 3.15 17.15
C CYS B 262 -27.06 4.31 18.07
N TYR B 263 -28.25 4.31 18.64
CA TYR B 263 -28.60 5.35 19.59
C TYR B 263 -27.98 5.06 20.94
N GLU B 264 -27.59 6.12 21.63
CA GLU B 264 -27.02 6.01 22.95
C GLU B 264 -27.07 7.37 23.62
N LEU B 265 -27.62 7.39 24.82
CA LEU B 265 -27.65 8.63 25.61
C LEU B 265 -26.21 9.07 25.88
N ASN B 266 -25.99 10.39 25.85
CA ASN B 266 -24.69 10.98 26.10
C ASN B 266 -23.65 10.49 25.08
N PHE B 267 -23.84 10.91 23.84
CA PHE B 267 -22.84 10.68 22.83
C PHE B 267 -21.56 11.42 23.20
N PRO B 268 -20.39 10.84 22.98
CA PRO B 268 -19.14 11.58 23.19
C PRO B 268 -19.08 12.83 22.35
N ARG B 269 -18.16 13.71 22.69
CA ARG B 269 -17.98 14.95 21.96
C ARG B 269 -16.51 15.19 21.72
N SER B 270 -16.22 16.06 20.78
CA SER B 270 -14.87 16.51 20.55
C SER B 270 -14.67 17.89 21.15
N PRO B 271 -13.43 18.29 21.40
CA PRO B 271 -13.18 19.64 21.90
C PRO B 271 -13.71 20.74 21.01
N ARG B 272 -13.29 20.81 19.75
CA ARG B 272 -13.65 21.95 18.91
C ARG B 272 -13.75 21.49 17.47
N ILE B 273 -13.73 22.45 16.54
CA ILE B 273 -14.07 22.17 15.14
C ILE B 273 -12.86 21.78 14.32
N ARG B 274 -11.69 22.36 14.59
CA ARG B 274 -10.46 22.03 13.85
C ARG B 274 -10.61 22.34 12.36
N LYS B 275 -10.72 23.64 12.08
CA LYS B 275 -10.94 24.11 10.72
C LYS B 275 -10.00 23.45 9.72
N ARG B 276 -8.74 23.27 10.08
CA ARG B 276 -7.79 22.61 9.18
C ARG B 276 -8.29 21.23 8.79
N PHE B 277 -8.76 20.47 9.78
CA PHE B 277 -9.25 19.12 9.54
C PHE B 277 -10.43 19.12 8.57
N LEU B 278 -11.42 19.99 8.83
CA LEU B 278 -12.58 20.05 7.96
C LEU B 278 -12.20 20.46 6.54
N LEU B 279 -11.22 21.36 6.43
CA LEU B 279 -10.77 21.78 5.10
C LEU B 279 -10.13 20.61 4.35
N ARG B 280 -9.27 19.85 5.03
CA ARG B 280 -8.66 18.71 4.37
C ARG B 280 -9.71 17.68 3.97
N ARG B 281 -10.74 17.51 4.80
CA ARG B 281 -11.77 16.52 4.47
C ARG B 281 -12.59 16.95 3.27
N ILE B 282 -12.94 18.23 3.19
CA ILE B 282 -13.69 18.70 2.02
C ILE B 282 -12.83 18.61 0.77
N LEU B 283 -11.55 18.94 0.88
CA LEU B 283 -10.66 18.76 -0.27
C LEU B 283 -10.62 17.32 -0.71
N GLU B 284 -10.57 16.39 0.24
CA GLU B 284 -10.56 14.98 -0.11
C GLU B 284 -11.85 14.60 -0.82
N MET B 285 -12.99 15.08 -0.33
CA MET B 285 -14.26 14.77 -0.99
C MET B 285 -14.26 15.26 -2.43
N LEU B 286 -13.83 16.49 -2.66
CA LEU B 286 -13.84 17.03 -4.02
C LEU B 286 -12.87 16.31 -4.93
N PHE B 287 -11.64 16.11 -4.46
CA PHE B 287 -10.64 15.41 -5.26
C PHE B 287 -11.11 14.02 -5.64
N PHE B 288 -11.67 13.29 -4.69
CA PHE B 288 -12.07 11.93 -5.00
C PHE B 288 -13.34 11.88 -5.84
N THR B 289 -14.21 12.89 -5.73
CA THR B 289 -15.33 12.98 -6.66
C THR B 289 -14.82 13.11 -8.10
N GLN B 290 -13.84 14.00 -8.31
CA GLN B 290 -13.28 14.16 -9.64
C GLN B 290 -12.62 12.87 -10.12
N LEU B 291 -11.86 12.23 -9.23
CA LEU B 291 -11.19 10.98 -9.59
C LEU B 291 -12.19 9.90 -9.98
N GLN B 292 -13.29 9.79 -9.24
CA GLN B 292 -14.26 8.74 -9.51
C GLN B 292 -15.03 9.01 -10.78
N VAL B 293 -15.34 10.28 -11.06
CA VAL B 293 -15.96 10.62 -12.33
C VAL B 293 -15.04 10.27 -13.49
N GLY B 294 -13.75 10.59 -13.35
CA GLY B 294 -12.81 10.23 -14.39
C GLY B 294 -12.74 8.73 -14.61
N LEU B 295 -12.61 7.97 -13.53
CA LEU B 295 -12.63 6.51 -13.63
C LEU B 295 -13.84 6.02 -14.40
N ILE B 296 -15.04 6.44 -13.99
CA ILE B 296 -16.24 5.97 -14.66
C ILE B 296 -16.22 6.34 -16.13
N GLN B 297 -16.25 7.65 -16.41
CA GLN B 297 -16.35 8.17 -17.77
C GLN B 297 -15.15 7.96 -18.60
N GLN B 298 -14.08 7.29 -18.18
CA GLN B 298 -13.01 6.97 -19.11
C GLN B 298 -12.55 5.53 -19.02
N TRP B 299 -13.18 4.69 -18.20
CA TRP B 299 -12.76 3.31 -18.13
C TRP B 299 -13.94 2.35 -18.18
N MET B 300 -15.12 2.78 -17.72
CA MET B 300 -16.25 1.87 -17.68
C MET B 300 -17.30 2.15 -18.72
N VAL B 301 -17.67 3.41 -18.93
CA VAL B 301 -18.58 3.74 -20.03
C VAL B 301 -18.02 3.28 -21.37
N PRO B 302 -16.78 3.58 -21.73
CA PRO B 302 -16.23 3.01 -22.97
C PRO B 302 -16.22 1.49 -23.00
N THR B 303 -15.94 0.83 -21.88
CA THR B 303 -15.92 -0.62 -21.90
C THR B 303 -17.33 -1.19 -22.02
N ILE B 304 -18.31 -0.55 -21.38
CA ILE B 304 -19.68 -1.00 -21.52
C ILE B 304 -20.18 -0.81 -22.94
N GLN B 305 -19.78 0.29 -23.58
CA GLN B 305 -20.19 0.55 -24.95
C GLN B 305 -19.46 -0.31 -25.97
N ASN B 306 -18.46 -1.08 -25.56
CA ASN B 306 -17.78 -1.95 -26.53
C ASN B 306 -18.69 -3.07 -27.02
N SER B 307 -19.50 -3.64 -26.13
CA SER B 307 -20.45 -4.68 -26.51
C SER B 307 -21.69 -4.54 -25.63
N MET B 308 -22.71 -3.86 -26.16
CA MET B 308 -23.90 -3.58 -25.38
C MET B 308 -24.93 -4.68 -25.52
N LYS B 309 -25.03 -5.52 -24.49
CA LYS B 309 -26.08 -6.52 -24.36
C LYS B 309 -26.41 -6.69 -22.88
N PRO B 310 -27.67 -6.57 -22.49
CA PRO B 310 -28.00 -6.63 -21.06
C PRO B 310 -27.77 -8.02 -20.49
N PHE B 311 -27.41 -8.04 -19.21
CA PHE B 311 -27.11 -9.31 -18.53
C PHE B 311 -28.34 -10.19 -18.34
N LYS B 312 -29.52 -9.69 -18.67
CA LYS B 312 -30.74 -10.48 -18.44
C LYS B 312 -30.74 -11.75 -19.27
N ASP B 313 -30.33 -11.67 -20.53
CA ASP B 313 -30.44 -12.79 -21.45
C ASP B 313 -29.14 -13.54 -21.70
N MET B 314 -28.00 -12.88 -21.59
CA MET B 314 -26.73 -13.52 -21.94
C MET B 314 -26.48 -14.74 -21.07
N ASP B 315 -25.84 -15.74 -21.66
CA ASP B 315 -25.55 -16.97 -20.94
C ASP B 315 -24.41 -16.74 -19.95
N TYR B 316 -24.04 -17.81 -19.24
CA TYR B 316 -22.99 -17.71 -18.23
C TYR B 316 -21.66 -17.31 -18.85
N SER B 317 -21.31 -17.90 -19.99
CA SER B 317 -20.02 -17.62 -20.61
C SER B 317 -19.89 -16.13 -20.92
N ARG B 318 -20.89 -15.55 -21.57
CA ARG B 318 -20.77 -14.15 -21.99
C ARG B 318 -20.81 -13.20 -20.80
N ILE B 319 -21.67 -13.48 -19.81
CA ILE B 319 -21.75 -12.60 -18.66
C ILE B 319 -20.44 -12.62 -17.88
N ILE B 320 -19.82 -13.81 -17.74
CA ILE B 320 -18.54 -13.87 -17.05
C ILE B 320 -17.46 -13.20 -17.87
N GLU B 321 -17.47 -13.36 -19.19
CA GLU B 321 -16.44 -12.74 -20.01
C GLU B 321 -16.56 -11.23 -20.00
N ARG B 322 -17.78 -10.70 -19.84
CA ARG B 322 -17.95 -9.26 -19.73
C ARG B 322 -17.55 -8.75 -18.36
N LEU B 323 -17.91 -9.48 -17.31
CA LEU B 323 -17.59 -9.03 -15.97
C LEU B 323 -16.11 -9.12 -15.67
N LEU B 324 -15.40 -10.10 -16.23
CA LEU B 324 -13.98 -10.17 -15.98
C LEU B 324 -13.22 -9.05 -16.70
N LYS B 325 -13.87 -8.33 -17.60
CA LYS B 325 -13.28 -7.13 -18.16
C LYS B 325 -13.75 -5.87 -17.44
N LEU B 326 -14.93 -5.91 -16.84
CA LEU B 326 -15.46 -4.76 -16.12
C LEU B 326 -15.15 -4.76 -14.63
N ALA B 327 -14.47 -5.79 -14.12
CA ALA B 327 -14.36 -5.95 -12.67
C ALA B 327 -13.33 -5.01 -12.05
N VAL B 328 -12.14 -4.93 -12.61
CA VAL B 328 -11.08 -4.15 -11.96
C VAL B 328 -11.41 -2.65 -11.91
N PRO B 329 -11.90 -2.02 -12.98
CA PRO B 329 -12.35 -0.63 -12.83
C PRO B 329 -13.45 -0.50 -11.79
N ASN B 330 -14.37 -1.45 -11.74
CA ASN B 330 -15.39 -1.45 -10.71
C ASN B 330 -14.76 -1.50 -9.33
N HIS B 331 -13.72 -2.32 -9.16
CA HIS B 331 -13.11 -2.43 -7.85
C HIS B 331 -12.39 -1.15 -7.45
N LEU B 332 -11.75 -0.48 -8.40
CA LEU B 332 -11.10 0.77 -8.06
C LEU B 332 -12.13 1.84 -7.70
N ILE B 333 -13.26 1.85 -8.41
CA ILE B 333 -14.34 2.76 -8.05
C ILE B 333 -14.84 2.45 -6.66
N TRP B 334 -14.91 1.17 -6.32
CA TRP B 334 -15.37 0.77 -5.00
C TRP B 334 -14.43 1.28 -3.91
N LEU B 335 -13.12 1.11 -4.10
CA LEU B 335 -12.18 1.59 -3.10
C LEU B 335 -12.23 3.10 -2.97
N ILE B 336 -12.29 3.80 -4.10
CA ILE B 336 -12.38 5.25 -4.06
C ILE B 336 -13.63 5.68 -3.34
N PHE B 337 -14.74 4.99 -3.56
CA PHE B 337 -15.98 5.37 -2.91
C PHE B 337 -15.96 5.04 -1.43
N PHE B 338 -15.32 3.94 -1.04
CA PHE B 338 -15.13 3.67 0.38
C PHE B 338 -14.39 4.81 1.05
N TYR B 339 -13.26 5.21 0.49
CA TYR B 339 -12.53 6.30 1.12
C TYR B 339 -13.30 7.60 1.05
N TRP B 340 -14.11 7.78 0.01
CA TRP B 340 -14.85 9.02 -0.12
C TRP B 340 -15.94 9.11 0.93
N LEU B 341 -16.68 8.03 1.15
CA LEU B 341 -17.75 8.08 2.13
C LEU B 341 -17.21 7.91 3.54
N PHE B 342 -16.71 6.71 3.85
CA PHE B 342 -16.44 6.28 5.22
C PHE B 342 -15.28 6.98 5.86
N HIS B 343 -14.55 7.83 5.17
CA HIS B 343 -13.51 8.60 5.82
C HIS B 343 -13.56 10.08 5.52
N SER B 344 -14.11 10.50 4.40
CA SER B 344 -14.26 11.93 4.15
C SER B 344 -15.64 12.44 4.51
N CYS B 345 -16.70 11.81 4.01
CA CYS B 345 -18.03 12.35 4.26
C CYS B 345 -18.38 12.23 5.73
N LEU B 346 -18.24 11.04 6.29
CA LEU B 346 -18.58 10.84 7.68
C LEU B 346 -17.68 11.63 8.61
N ASN B 347 -16.41 11.79 8.26
CA ASN B 347 -15.53 12.56 9.13
C ASN B 347 -15.83 14.05 9.05
N ALA B 348 -16.20 14.55 7.87
CA ALA B 348 -16.62 15.94 7.79
C ALA B 348 -17.88 16.18 8.61
N VAL B 349 -18.83 15.26 8.52
CA VAL B 349 -20.04 15.37 9.34
C VAL B 349 -19.69 15.36 10.81
N ALA B 350 -19.00 14.31 11.26
CA ALA B 350 -18.67 14.15 12.67
C ALA B 350 -17.74 15.24 13.17
N GLU B 351 -17.09 15.98 12.28
CA GLU B 351 -16.28 17.11 12.72
C GLU B 351 -17.09 18.37 12.83
N LEU B 352 -18.02 18.59 11.90
CA LEU B 352 -18.92 19.74 11.99
C LEU B 352 -19.64 19.75 13.32
N MET B 353 -20.38 18.70 13.59
CA MET B 353 -21.03 18.50 14.87
C MET B 353 -20.16 17.55 15.66
N GLN B 354 -19.41 18.08 16.61
CA GLN B 354 -18.40 17.27 17.30
C GLN B 354 -18.99 15.96 17.76
N PHE B 355 -18.52 14.86 17.19
CA PHE B 355 -19.06 13.56 17.54
C PHE B 355 -18.06 12.65 18.23
N GLY B 356 -16.78 12.74 17.92
CA GLY B 356 -15.77 12.16 18.76
C GLY B 356 -15.53 10.68 18.62
N ASP B 357 -16.49 9.90 18.16
CA ASP B 357 -16.22 8.48 17.95
C ASP B 357 -15.35 8.28 16.72
N ARG B 358 -15.82 8.72 15.56
CA ARG B 358 -15.00 8.81 14.36
C ARG B 358 -14.30 7.49 14.03
N GLU B 359 -14.94 6.38 14.35
CA GLU B 359 -14.42 5.05 14.05
C GLU B 359 -15.46 4.33 13.22
N PHE B 360 -15.43 4.56 11.91
CA PHE B 360 -16.41 4.03 10.99
C PHE B 360 -15.93 2.81 10.24
N TYR B 361 -14.69 2.40 10.45
CA TYR B 361 -14.16 1.21 9.80
C TYR B 361 -12.98 0.73 10.62
N ARG B 362 -12.52 -0.46 10.32
CA ARG B 362 -11.31 -0.96 10.94
C ARG B 362 -10.46 -1.61 9.87
N ASP B 363 -9.43 -2.34 10.26
CA ASP B 363 -8.54 -2.87 9.23
C ASP B 363 -9.20 -4.01 8.49
N TRP B 364 -10.20 -3.70 7.66
CA TRP B 364 -10.78 -4.75 6.83
C TRP B 364 -9.85 -5.16 5.70
N TRP B 365 -8.77 -4.43 5.47
CA TRP B 365 -7.91 -4.76 4.34
C TRP B 365 -6.98 -5.91 4.68
N ASN B 366 -6.46 -5.96 5.90
CA ASN B 366 -5.69 -7.11 6.32
C ASN B 366 -6.59 -8.08 7.09
N SER B 367 -7.60 -8.56 6.39
CA SER B 367 -8.64 -9.42 6.95
C SER B 367 -8.47 -10.81 6.34
N GLU B 368 -7.96 -11.74 7.12
CA GLU B 368 -7.65 -13.07 6.59
C GLU B 368 -8.81 -14.02 6.77
N SER B 369 -10.01 -13.57 6.44
CA SER B 369 -11.23 -14.38 6.51
C SER B 369 -12.37 -13.49 6.06
N VAL B 370 -13.42 -14.12 5.53
CA VAL B 370 -14.58 -13.33 5.14
C VAL B 370 -15.32 -12.82 6.36
N THR B 371 -15.52 -13.66 7.37
CA THR B 371 -16.23 -13.23 8.56
C THR B 371 -15.52 -12.11 9.29
N TYR B 372 -14.22 -11.97 9.11
CA TYR B 372 -13.51 -10.85 9.71
C TYR B 372 -13.62 -9.61 8.85
N PHE B 373 -13.89 -9.75 7.56
CA PHE B 373 -14.07 -8.56 6.73
C PHE B 373 -15.34 -7.84 7.11
N TRP B 374 -16.45 -8.58 7.20
CA TRP B 374 -17.73 -7.96 7.49
C TRP B 374 -17.79 -7.38 8.88
N GLN B 375 -16.97 -7.87 9.81
CA GLN B 375 -16.97 -7.29 11.14
C GLN B 375 -16.27 -5.95 11.20
N ASN B 376 -15.46 -5.63 10.21
CA ASN B 376 -14.71 -4.39 10.22
C ASN B 376 -15.03 -3.48 9.05
N TRP B 377 -15.75 -3.96 8.05
CA TRP B 377 -16.23 -3.10 6.98
C TRP B 377 -17.55 -2.49 7.42
N ASN B 378 -17.67 -1.17 7.29
CA ASN B 378 -18.91 -0.48 7.61
C ASN B 378 -19.29 -0.74 9.07
N ILE B 379 -18.47 -0.21 9.97
CA ILE B 379 -18.69 -0.43 11.39
C ILE B 379 -20.06 0.04 11.87
N PRO B 380 -20.59 1.19 11.44
CA PRO B 380 -21.93 1.58 11.91
C PRO B 380 -23.00 0.54 11.69
N VAL B 381 -23.16 0.09 10.45
CA VAL B 381 -24.18 -0.91 10.16
C VAL B 381 -23.90 -2.19 10.91
N HIS B 382 -22.63 -2.53 11.09
CA HIS B 382 -22.33 -3.80 11.73
C HIS B 382 -22.65 -3.77 13.22
N LYS B 383 -22.30 -2.69 13.91
CA LYS B 383 -22.61 -2.65 15.33
C LYS B 383 -24.10 -2.48 15.54
N TRP B 384 -24.80 -1.80 14.64
CA TRP B 384 -26.26 -1.84 14.70
C TRP B 384 -26.76 -3.27 14.58
N CYS B 385 -26.32 -3.98 13.54
CA CYS B 385 -26.76 -5.35 13.35
C CYS B 385 -26.54 -6.15 14.62
N ILE B 386 -25.35 -6.07 15.19
CA ILE B 386 -25.05 -6.83 16.39
C ILE B 386 -26.06 -6.47 17.47
N ARG B 387 -26.01 -5.24 17.98
CA ARG B 387 -26.72 -4.95 19.21
C ARG B 387 -28.15 -4.51 19.00
N HIS B 388 -28.74 -4.77 17.84
CA HIS B 388 -30.17 -4.63 17.71
C HIS B 388 -30.82 -5.76 16.92
N PHE B 389 -30.06 -6.72 16.40
CA PHE B 389 -30.65 -7.83 15.69
C PHE B 389 -30.04 -9.18 16.04
N TYR B 390 -28.80 -9.25 16.54
CA TYR B 390 -28.16 -10.52 16.78
C TYR B 390 -28.18 -10.85 18.27
N LYS B 391 -27.64 -9.96 19.11
CA LYS B 391 -27.76 -10.16 20.54
C LYS B 391 -29.21 -10.09 21.03
N PRO B 392 -30.05 -9.17 20.57
CA PRO B 392 -31.46 -9.22 20.99
C PRO B 392 -32.17 -10.48 20.55
N MET B 393 -31.65 -11.19 19.56
CA MET B 393 -32.24 -12.47 19.20
C MET B 393 -31.58 -13.64 19.89
N LEU B 394 -30.36 -13.46 20.41
CA LEU B 394 -29.78 -14.51 21.24
C LEU B 394 -30.34 -14.47 22.65
N ARG B 395 -30.72 -13.28 23.12
CA ARG B 395 -31.38 -13.18 24.42
C ARG B 395 -32.62 -14.05 24.44
N ARG B 396 -33.50 -13.91 23.46
CA ARG B 396 -34.62 -14.82 23.26
C ARG B 396 -34.08 -15.99 22.44
N GLY B 397 -33.28 -16.84 23.11
CA GLY B 397 -32.44 -17.83 22.47
C GLY B 397 -33.07 -18.54 21.29
N SER B 398 -32.46 -18.35 20.12
CA SER B 398 -33.06 -18.77 18.86
C SER B 398 -32.03 -19.43 17.96
N SER B 399 -31.31 -20.42 18.50
CA SER B 399 -30.43 -21.24 17.67
C SER B 399 -29.36 -20.39 16.99
N LYS B 400 -28.35 -20.00 17.77
CA LYS B 400 -27.36 -19.00 17.35
C LYS B 400 -27.10 -19.00 15.85
N TRP B 401 -26.95 -20.18 15.26
CA TRP B 401 -26.80 -20.25 13.81
C TRP B 401 -28.00 -19.64 13.09
N MET B 402 -29.21 -19.89 13.59
CA MET B 402 -30.39 -19.33 12.94
C MET B 402 -30.42 -17.81 13.06
N ALA B 403 -30.01 -17.27 14.21
CA ALA B 403 -30.00 -15.81 14.36
C ALA B 403 -28.97 -15.18 13.46
N ARG B 404 -27.80 -15.81 13.31
CA ARG B 404 -26.80 -15.29 12.39
C ARG B 404 -27.32 -15.31 10.95
N THR B 405 -27.97 -16.40 10.55
CA THR B 405 -28.58 -16.44 9.23
C THR B 405 -29.65 -15.36 9.07
N GLY B 406 -30.37 -15.06 10.15
CA GLY B 406 -31.35 -13.98 10.08
C GLY B 406 -30.71 -12.62 9.90
N VAL B 407 -29.58 -12.39 10.56
CA VAL B 407 -28.82 -11.16 10.35
C VAL B 407 -28.44 -11.02 8.88
N PHE B 408 -27.84 -12.08 8.32
CA PHE B 408 -27.47 -12.05 6.92
C PHE B 408 -28.68 -11.84 6.02
N LEU B 409 -29.81 -12.42 6.37
CA LEU B 409 -31.01 -12.28 5.55
C LEU B 409 -31.50 -10.84 5.54
N ALA B 410 -31.52 -10.20 6.71
CA ALA B 410 -31.95 -8.80 6.76
C ALA B 410 -31.00 -7.92 5.96
N SER B 411 -29.70 -8.16 6.07
CA SER B 411 -28.77 -7.33 5.31
C SER B 411 -28.92 -7.55 3.82
N ALA B 412 -29.14 -8.80 3.39
CA ALA B 412 -29.38 -9.07 1.99
C ALA B 412 -30.62 -8.34 1.50
N PHE B 413 -31.69 -8.39 2.28
CA PHE B 413 -32.90 -7.68 1.88
C PHE B 413 -32.64 -6.19 1.73
N PHE B 414 -31.87 -5.61 2.64
CA PHE B 414 -31.67 -4.17 2.55
C PHE B 414 -30.79 -3.80 1.38
N HIS B 415 -29.77 -4.60 1.07
CA HIS B 415 -28.97 -4.32 -0.11
C HIS B 415 -29.80 -4.42 -1.38
N GLU B 416 -30.66 -5.44 -1.46
CA GLU B 416 -31.55 -5.56 -2.62
C GLU B 416 -32.48 -4.38 -2.71
N TYR B 417 -33.11 -4.00 -1.60
CA TYR B 417 -34.05 -2.90 -1.59
C TYR B 417 -33.37 -1.58 -1.91
N LEU B 418 -32.09 -1.45 -1.62
CA LEU B 418 -31.41 -0.20 -1.95
C LEU B 418 -31.00 -0.16 -3.41
N VAL B 419 -30.58 -1.27 -3.98
CA VAL B 419 -30.06 -1.22 -5.34
C VAL B 419 -31.14 -1.41 -6.40
N SER B 420 -32.20 -2.16 -6.11
CA SER B 420 -33.15 -2.54 -7.14
C SER B 420 -34.22 -1.48 -7.35
N VAL B 421 -34.92 -1.11 -6.29
CA VAL B 421 -36.08 -0.23 -6.36
C VAL B 421 -35.77 1.08 -7.11
N PRO B 422 -34.63 1.74 -6.90
CA PRO B 422 -34.34 2.92 -7.72
C PRO B 422 -34.26 2.62 -9.20
N LEU B 423 -33.78 1.44 -9.57
CA LEU B 423 -33.70 1.02 -10.97
C LEU B 423 -34.91 0.20 -11.39
N ARG B 424 -35.87 -0.01 -10.49
CA ARG B 424 -37.12 -0.70 -10.79
C ARG B 424 -36.88 -2.15 -11.21
N MET B 425 -35.64 -2.59 -11.18
CA MET B 425 -35.31 -3.97 -11.47
C MET B 425 -35.59 -4.86 -10.27
N PHE B 426 -35.82 -6.13 -10.54
CA PHE B 426 -36.05 -7.09 -9.47
C PHE B 426 -35.36 -8.41 -9.80
N ARG B 427 -34.11 -8.32 -10.27
CA ARG B 427 -33.39 -9.52 -10.66
C ARG B 427 -32.99 -10.37 -9.47
N LEU B 428 -32.99 -9.81 -8.26
CA LEU B 428 -32.62 -10.54 -7.04
C LEU B 428 -31.16 -11.00 -7.11
N TRP B 429 -30.27 -10.04 -7.33
CA TRP B 429 -28.85 -10.33 -7.49
C TRP B 429 -28.02 -9.93 -6.29
N ALA B 430 -28.18 -8.70 -5.79
CA ALA B 430 -27.49 -8.31 -4.57
C ALA B 430 -27.90 -9.19 -3.40
N PHE B 431 -29.17 -9.62 -3.38
CA PHE B 431 -29.61 -10.61 -2.42
C PHE B 431 -28.78 -11.89 -2.54
N THR B 432 -28.58 -12.37 -3.76
CA THR B 432 -27.83 -13.60 -3.96
C THR B 432 -26.39 -13.42 -3.53
N GLY B 433 -25.81 -12.25 -3.76
CA GLY B 433 -24.45 -12.01 -3.30
C GLY B 433 -24.32 -12.02 -1.80
N MET B 434 -25.15 -11.24 -1.12
CA MET B 434 -25.09 -11.20 0.34
C MET B 434 -25.39 -12.56 0.94
N MET B 435 -26.21 -13.37 0.28
CA MET B 435 -26.46 -14.71 0.81
C MET B 435 -25.30 -15.64 0.54
N ALA B 436 -24.69 -15.54 -0.63
CA ALA B 436 -23.53 -16.37 -0.94
C ALA B 436 -22.35 -16.04 -0.05
N GLN B 437 -22.39 -14.90 0.62
CA GLN B 437 -21.32 -14.58 1.56
C GLN B 437 -21.15 -15.63 2.66
N ILE B 438 -22.14 -16.49 2.89
CA ILE B 438 -22.01 -17.52 3.93
C ILE B 438 -21.15 -18.69 3.44
N PRO B 439 -21.53 -19.40 2.37
CA PRO B 439 -20.68 -20.49 1.90
C PRO B 439 -19.31 -20.01 1.51
N LEU B 440 -19.21 -18.80 0.97
CA LEU B 440 -17.91 -18.24 0.66
C LEU B 440 -17.08 -18.05 1.92
N ALA B 441 -17.72 -17.64 3.01
CA ALA B 441 -17.00 -17.52 4.27
C ALA B 441 -16.45 -18.86 4.71
N TRP B 442 -17.30 -19.90 4.69
CA TRP B 442 -16.83 -21.24 5.05
C TRP B 442 -15.66 -21.66 4.17
N PHE B 443 -15.79 -21.45 2.86
CA PHE B 443 -14.77 -21.84 1.90
C PHE B 443 -13.43 -21.17 2.22
N VAL B 444 -13.43 -19.83 2.23
CA VAL B 444 -12.19 -19.08 2.41
C VAL B 444 -11.60 -19.31 3.79
N GLY B 445 -12.42 -19.70 4.77
CA GLY B 445 -11.87 -20.01 6.06
C GLY B 445 -11.25 -21.38 6.12
N ARG B 446 -11.90 -22.35 5.49
CA ARG B 446 -11.43 -23.73 5.58
C ARG B 446 -10.21 -23.98 4.71
N PHE B 447 -10.14 -23.34 3.54
CA PHE B 447 -9.06 -23.68 2.62
C PHE B 447 -7.85 -22.77 2.78
N PHE B 448 -8.02 -21.47 2.57
CA PHE B 448 -6.91 -20.54 2.55
C PHE B 448 -6.67 -19.97 3.94
N GLN B 449 -5.42 -19.63 4.21
CA GLN B 449 -5.00 -19.23 5.54
C GLN B 449 -3.88 -18.20 5.45
N GLY B 450 -3.84 -17.29 6.41
CA GLY B 450 -2.75 -16.32 6.46
C GLY B 450 -2.82 -15.35 5.30
N ASN B 451 -1.64 -14.96 4.79
CA ASN B 451 -1.61 -14.01 3.69
C ASN B 451 -2.33 -14.55 2.47
N TYR B 452 -2.36 -15.87 2.30
CA TYR B 452 -3.12 -16.43 1.20
C TYR B 452 -4.62 -16.32 1.46
N GLY B 453 -5.04 -16.43 2.72
CA GLY B 453 -6.42 -16.14 3.04
C GLY B 453 -6.77 -14.69 2.73
N ASN B 454 -5.85 -13.77 3.02
CA ASN B 454 -6.08 -12.38 2.69
C ASN B 454 -6.19 -12.17 1.18
N ALA B 455 -5.34 -12.85 0.41
CA ALA B 455 -5.45 -12.73 -1.03
C ALA B 455 -6.75 -13.31 -1.54
N ALA B 456 -7.25 -14.37 -0.89
CA ALA B 456 -8.55 -14.91 -1.26
C ALA B 456 -9.66 -13.93 -0.97
N VAL B 457 -9.58 -13.22 0.16
CA VAL B 457 -10.60 -12.20 0.46
C VAL B 457 -10.55 -11.08 -0.55
N TRP B 458 -9.35 -10.65 -0.94
CA TRP B 458 -9.25 -9.59 -1.95
C TRP B 458 -9.84 -10.05 -3.28
N LEU B 459 -9.54 -11.28 -3.68
CA LEU B 459 -10.15 -11.83 -4.88
C LEU B 459 -11.66 -11.83 -4.77
N SER B 460 -12.17 -12.23 -3.61
CA SER B 460 -13.62 -12.23 -3.41
C SER B 460 -14.21 -10.84 -3.29
N LEU B 461 -13.39 -9.81 -3.17
CA LEU B 461 -13.93 -8.46 -3.29
C LEU B 461 -13.83 -7.92 -4.69
N ILE B 462 -12.94 -8.46 -5.52
CA ILE B 462 -12.83 -7.97 -6.89
C ILE B 462 -13.97 -8.49 -7.73
N ILE B 463 -14.38 -9.74 -7.54
CA ILE B 463 -15.56 -10.23 -8.25
C ILE B 463 -16.76 -10.28 -7.32
N GLY B 464 -16.76 -11.21 -6.36
CA GLY B 464 -17.59 -11.12 -5.17
C GLY B 464 -18.97 -10.48 -5.22
N GLN B 465 -19.24 -9.62 -4.23
CA GLN B 465 -20.50 -8.93 -4.03
C GLN B 465 -20.65 -7.65 -4.84
N PRO B 466 -19.62 -6.79 -4.98
CA PRO B 466 -19.83 -5.54 -5.74
C PRO B 466 -20.19 -5.76 -7.20
N ILE B 467 -19.82 -6.89 -7.78
CA ILE B 467 -20.26 -7.20 -9.13
C ILE B 467 -21.78 -7.21 -9.24
N ALA B 468 -22.49 -7.44 -8.14
CA ALA B 468 -23.95 -7.40 -8.19
C ALA B 468 -24.46 -6.00 -8.50
N VAL B 469 -24.00 -5.00 -7.75
CA VAL B 469 -24.38 -3.63 -8.04
C VAL B 469 -23.90 -3.22 -9.42
N LEU B 470 -22.75 -3.74 -9.85
CA LEU B 470 -22.30 -3.45 -11.21
C LEU B 470 -23.29 -4.00 -12.24
N MET B 471 -23.75 -5.23 -12.04
CA MET B 471 -24.70 -5.81 -12.98
C MET B 471 -25.97 -4.98 -13.04
N TYR B 472 -26.47 -4.54 -11.89
CA TYR B 472 -27.67 -3.70 -11.88
C TYR B 472 -27.45 -2.42 -12.69
N VAL B 473 -26.41 -1.66 -12.35
CA VAL B 473 -26.22 -0.38 -13.02
C VAL B 473 -25.93 -0.57 -14.50
N HIS B 474 -25.24 -1.65 -14.87
CA HIS B 474 -24.94 -1.89 -16.27
C HIS B 474 -26.21 -2.20 -17.06
N ASP B 475 -27.01 -3.14 -16.56
CA ASP B 475 -28.25 -3.46 -17.26
C ASP B 475 -29.22 -2.29 -17.27
N TYR B 476 -29.07 -1.33 -16.36
CA TYR B 476 -29.88 -0.12 -16.48
C TYR B 476 -29.32 0.83 -17.52
N TYR B 477 -28.00 0.93 -17.63
CA TYR B 477 -27.43 1.87 -18.58
C TYR B 477 -27.55 1.35 -20.00
N VAL B 478 -27.64 0.04 -20.18
CA VAL B 478 -27.62 -0.55 -21.51
C VAL B 478 -29.02 -0.51 -22.10
N LEU B 479 -30.00 -0.10 -21.28
CA LEU B 479 -31.38 -0.03 -21.72
C LEU B 479 -31.94 1.39 -21.70
N ASN B 480 -31.13 2.39 -21.39
CA ASN B 480 -31.61 3.76 -21.33
C ASN B 480 -30.75 4.76 -22.08
N TYR B 481 -29.70 4.31 -22.76
CA TYR B 481 -28.82 5.22 -23.48
C TYR B 481 -28.31 4.57 -24.75
#